data_6AVF
#
_entry.id   6AVF
#
_cell.length_a   64.366
_cell.length_b   67.679
_cell.length_c   105.716
_cell.angle_alpha   90.00
_cell.angle_beta   102.93
_cell.angle_gamma   90.00
#
_symmetry.space_group_name_H-M   'P 1 21 1'
#
loop_
_entity.id
_entity.type
_entity.pdbx_description
1 polymer Beta-2-microglobulin
2 polymer 'T-cell receptor alpha variable 4,TCR alpha chain'
3 polymer 'T-cell receptor beta variable 28,TCR beta chain'
4 polymer ALA-PRO-ARG-GLY-PRO-HIS-GLY-GLY-ALA-ALA-SER-GLY-LEU
5 polymer 'HLA class I histocompatibility antigen, B-7 alpha chain'
6 water water
#
loop_
_entity_poly.entity_id
_entity_poly.type
_entity_poly.pdbx_seq_one_letter_code
_entity_poly.pdbx_strand_id
1 'polypeptide(L)'
;IQRTPKIQVYSRHPAENGKSNFLNCYVSGFHPSDIEVDLLKNGERIEKVEHSDLSFSKDWSFYLLYYTEFTPTEKDEYAC
RVNHVTLSQPKIVKWDRDM
;
M
2 'polypeptide(L)'
;MLAKTTQPISMDSYEGQEVNITCSHNNIATNDYITWYQQFPSQGPRFIIQGYKTKVTNEVASLFIPADRKSSTLSLPRVS
LSDTAVYYCLVGEILDNFNKFYFGSGTKLNVKPNIQNPDPAVYQLRDSKSSDKSVCLFTDFDSQTNVSQSKDSDVYITDK
CVLDMRSMDFKSNSAVAWSNKSDFACANAFNNSIIPEDTFFPSPESS
;
A
3 'polypeptide(L)'
;MDVKVTQSSRYLVKRTGEKVFLECVQDMDHENMFWYRQDPGLGLRLIYFSYDVKMKEKGDIPEGYSVSREKKERFSLILE
SASTNQTSMYLCASSQRQEGDTQYFGPGTRLTVLEDLKNVFPPEVAVFEPSEAEISHTQKATLVCLATGFYPDHVELSWW
VNGKEVHSGVCTDPQPLKEQPALNDSRYALSSRLRVSATFWQNPRNHFRCQVQFYGLSENDEWTQDRAKPVTQIVSAEAW
GRAD
;
B
4 'polypeptide(L)' APRGPHGGAASGL P
5 'polypeptide(L)'
;MLVMAPRTVLLLLSAALALTETWAGSHSMRYFYTSVSRPGRGEPRFISVGYVDDTQFVRFDSDAASPREEPRAPWIEQEG
PEYWDRNTQIYKAQAQTDRESLRNLRGYYNQSEAGSHTLQSMYGCDVGPDGRLLRGHDQYAYDGKDYIALNEDLRSWTAA
DTAAQITQRKWEAAREAEQRRAYLEGECVEWLRRYLENGKDKLERADPPKTHVTHHPISDHEATLRCWALGFYPAEITLT
WQRDGEDQTQDTELVETRPAGDRTFQKWAAVVVPSGEEQRYTCHVQHEGLPKPLTLRWEPSSQSTVPIVGIVAGLAVLAV
VVIGAVVAAVMCRRKSSGGKGGSYSQAACSDSAQGSDVSLTA
;
H
#
# COMPACT_ATOMS: atom_id res chain seq x y z
N ILE A 1 -16.17 0.45 35.89
CA ILE A 1 -16.37 1.71 35.18
C ILE A 1 -15.79 2.89 35.98
N GLN A 2 -15.56 2.67 37.28
CA GLN A 2 -14.87 3.65 38.12
C GLN A 2 -13.93 2.98 39.13
N ARG A 3 -12.65 3.35 39.07
CA ARG A 3 -11.67 2.83 40.02
C ARG A 3 -10.85 3.97 40.62
N THR A 4 -10.55 3.88 41.91
CA THR A 4 -9.87 4.96 42.60
C THR A 4 -8.35 4.76 42.56
N PRO A 5 -7.61 5.87 42.36
CA PRO A 5 -6.15 5.79 42.24
C PRO A 5 -5.46 5.21 43.47
N LYS A 6 -4.51 4.32 43.24
CA LYS A 6 -3.62 3.89 44.29
C LYS A 6 -2.41 4.81 44.22
N ILE A 7 -2.09 5.46 45.32
CA ILE A 7 -1.06 6.48 45.33
C ILE A 7 0.18 6.02 46.12
N GLN A 8 1.34 6.14 45.51
CA GLN A 8 2.57 5.95 46.27
C GLN A 8 3.43 7.21 46.17
N VAL A 9 4.09 7.56 47.28
CA VAL A 9 5.06 8.64 47.30
C VAL A 9 6.41 8.10 47.76
N TYR A 10 7.48 8.41 47.04
CA TYR A 10 8.77 7.80 47.37
C TYR A 10 9.95 8.46 46.69
N SER A 11 11.13 7.95 47.02
CA SER A 11 12.39 8.48 46.54
C SER A 11 12.98 7.55 45.49
N ARG A 12 13.57 8.11 44.45
CA ARG A 12 14.21 7.31 43.41
C ARG A 12 15.44 6.60 43.97
N HIS A 13 16.33 7.39 44.56
CA HIS A 13 17.51 6.87 45.25
C HIS A 13 17.33 7.13 46.75
N PRO A 14 18.04 6.36 47.60
CA PRO A 14 17.92 6.52 49.05
C PRO A 14 18.05 7.96 49.57
N ALA A 15 17.20 8.31 50.54
CA ALA A 15 17.05 9.69 51.03
C ALA A 15 18.28 10.19 51.80
N GLU A 16 19.36 10.44 51.08
CA GLU A 16 20.58 10.99 51.69
C GLU A 16 20.69 12.50 51.45
N ASN A 17 20.84 13.27 52.54
CA ASN A 17 21.02 14.72 52.45
C ASN A 17 22.16 15.10 51.50
N GLY A 18 21.83 15.95 50.54
CA GLY A 18 22.64 16.13 49.35
C GLY A 18 21.67 15.91 48.20
N LYS A 19 22.17 15.77 46.98
CA LYS A 19 21.31 15.58 45.81
C LYS A 19 20.36 14.39 46.01
N PHE A 22 15.17 13.50 42.54
CA PHE A 22 14.00 12.94 41.89
C PHE A 22 12.96 12.34 42.84
N LEU A 23 12.14 13.23 43.42
CA LEU A 23 10.98 12.86 44.23
C LEU A 23 9.85 12.34 43.35
N ASN A 24 9.34 11.16 43.67
CA ASN A 24 8.34 10.53 42.82
C ASN A 24 6.95 10.45 43.44
N CYS A 25 5.92 10.50 42.60
CA CYS A 25 4.58 10.11 42.99
C CYS A 25 3.96 9.24 41.90
N TYR A 26 3.61 8.01 42.28
CA TYR A 26 3.09 7.02 41.36
C TYR A 26 1.60 6.78 41.55
N VAL A 27 0.80 7.22 40.59
CA VAL A 27 -0.64 7.00 40.66
C VAL A 27 -1.02 5.86 39.73
N SER A 28 -1.71 4.86 40.26
CA SER A 28 -2.04 3.71 39.42
C SER A 28 -3.39 3.10 39.78
N GLY A 29 -3.76 2.09 38.99
CA GLY A 29 -5.00 1.37 39.22
C GLY A 29 -6.25 2.18 39.03
N PHE A 30 -6.13 3.37 38.44
CA PHE A 30 -7.28 4.27 38.38
C PHE A 30 -7.97 4.28 37.01
N HIS A 31 -9.26 4.64 37.04
CA HIS A 31 -10.08 4.79 35.85
C HIS A 31 -11.35 5.58 36.21
N PRO A 32 -11.74 6.56 35.38
CA PRO A 32 -11.18 6.97 34.09
C PRO A 32 -9.81 7.65 34.20
N SER A 33 -9.21 7.97 33.04
CA SER A 33 -7.80 8.38 32.98
C SER A 33 -7.55 9.86 33.31
N ASP A 34 -8.58 10.69 33.30
CA ASP A 34 -8.46 12.04 33.85
C ASP A 34 -7.95 11.98 35.28
N ILE A 35 -6.95 12.76 35.62
CA ILE A 35 -6.43 12.80 36.99
C ILE A 35 -5.60 14.05 37.23
N GLU A 36 -5.70 14.61 38.43
CA GLU A 36 -4.89 15.77 38.81
C GLU A 36 -3.88 15.40 39.89
N VAL A 37 -2.60 15.62 39.60
CA VAL A 37 -1.55 15.32 40.58
C VAL A 37 -0.65 16.52 40.81
N ASP A 38 -0.61 16.99 42.04
CA ASP A 38 0.36 17.98 42.43
C ASP A 38 1.36 17.36 43.41
N LEU A 39 2.62 17.73 43.28
CA LEU A 39 3.61 17.39 44.28
C LEU A 39 3.78 18.62 45.19
N LEU A 40 3.87 18.38 46.48
CA LEU A 40 3.87 19.48 47.44
C LEU A 40 5.13 19.52 48.32
N LYS A 41 5.79 20.68 48.36
CA LYS A 41 6.83 20.94 49.36
C LYS A 41 6.31 21.87 50.43
N ASN A 42 6.46 21.47 51.69
CA ASN A 42 5.94 22.20 52.85
C ASN A 42 4.47 22.63 52.73
N GLY A 43 3.70 21.87 51.97
CA GLY A 43 2.29 22.16 51.79
C GLY A 43 1.99 23.07 50.62
N GLU A 44 3.01 23.40 49.85
CA GLU A 44 2.83 24.27 48.67
C GLU A 44 3.23 23.57 47.38
N ARG A 45 2.53 23.93 46.31
CA ARG A 45 2.75 23.31 45.01
C ARG A 45 4.14 23.57 44.49
N ILE A 46 4.87 22.51 44.18
CA ILE A 46 6.11 22.63 43.45
C ILE A 46 5.72 22.80 41.99
N GLU A 47 6.35 23.74 41.29
CA GLU A 47 5.84 24.16 40.00
C GLU A 47 6.41 23.38 38.84
N LYS A 48 7.72 23.17 38.82
CA LYS A 48 8.28 22.40 37.73
C LYS A 48 8.34 20.93 38.09
N VAL A 49 7.26 20.23 37.70
CA VAL A 49 7.11 18.80 37.93
C VAL A 49 6.78 18.11 36.60
N GLU A 50 7.64 17.17 36.22
CA GLU A 50 7.41 16.38 35.00
C GLU A 50 6.38 15.28 35.24
N HIS A 51 5.99 14.57 34.19
CA HIS A 51 5.29 13.31 34.38
C HIS A 51 5.38 12.43 33.16
N SER A 52 5.18 11.14 33.36
CA SER A 52 5.31 10.15 32.30
C SER A 52 4.16 10.27 31.33
N ASP A 53 4.28 9.56 30.22
CA ASP A 53 3.22 9.48 29.24
C ASP A 53 2.17 8.50 29.73
N LEU A 54 0.89 8.87 29.59
CA LEU A 54 -0.20 7.99 29.99
C LEU A 54 -0.02 6.60 29.42
N SER A 55 -0.01 5.62 30.31
CA SER A 55 -0.03 4.23 29.88
C SER A 55 -0.91 3.41 30.82
N PHE A 56 -0.94 2.11 30.60
CA PHE A 56 -1.72 1.24 31.44
C PHE A 56 -1.10 -0.15 31.46
N SER A 57 -1.51 -0.95 32.45
CA SER A 57 -1.01 -2.31 32.63
C SER A 57 -1.92 -3.34 31.99
N LYS A 58 -1.52 -4.62 32.08
CA LYS A 58 -2.26 -5.74 31.48
C LYS A 58 -3.67 -5.77 32.03
N ASP A 59 -3.77 -5.25 33.24
CA ASP A 59 -5.01 -5.11 33.98
C ASP A 59 -5.91 -4.00 33.42
N TRP A 60 -5.39 -3.27 32.42
CA TRP A 60 -6.05 -2.08 31.85
C TRP A 60 -6.07 -0.91 32.82
N SER A 61 -5.48 -1.07 33.99
CA SER A 61 -5.44 0.06 34.92
C SER A 61 -4.37 1.04 34.49
N PHE A 62 -4.78 2.30 34.37
CA PHE A 62 -3.90 3.39 34.03
C PHE A 62 -2.85 3.63 35.09
N TYR A 63 -1.69 4.12 34.66
CA TYR A 63 -0.68 4.55 35.60
C TYR A 63 0.09 5.74 35.05
N LEU A 64 0.60 6.54 35.96
CA LEU A 64 1.33 7.76 35.68
C LEU A 64 2.40 7.97 36.75
N LEU A 65 3.50 8.58 36.38
CA LEU A 65 4.56 8.90 37.33
C LEU A 65 4.81 10.38 37.32
N TYR A 66 4.56 11.04 38.44
CA TYR A 66 4.92 12.44 38.56
C TYR A 66 6.25 12.53 39.31
N TYR A 67 7.14 13.37 38.82
CA TYR A 67 8.49 13.46 39.38
C TYR A 67 9.13 14.84 39.19
N THR A 68 9.72 15.34 40.26
CA THR A 68 10.54 16.56 40.26
C THR A 68 11.90 16.15 40.81
N GLU A 69 12.78 17.07 41.18
CA GLU A 69 14.07 16.67 41.77
C GLU A 69 14.14 16.89 43.29
N PHE A 70 14.65 15.88 44.01
CA PHE A 70 14.74 15.96 45.46
C PHE A 70 16.14 16.38 45.95
N THR A 71 16.15 17.20 46.99
CA THR A 71 17.26 17.28 47.93
C THR A 71 16.64 17.55 49.29
N PRO A 72 16.67 16.55 50.18
CA PRO A 72 15.93 16.53 51.45
C PRO A 72 16.56 17.32 52.59
N THR A 73 15.91 17.29 53.76
CA THR A 73 16.39 17.98 54.96
C THR A 73 15.83 17.35 56.23
N ASP A 76 11.56 19.91 56.25
CA ASP A 76 10.65 20.18 55.14
C ASP A 76 9.78 18.97 54.81
N GLU A 77 8.47 19.15 54.90
CA GLU A 77 7.52 18.09 54.57
C GLU A 77 7.32 17.99 53.06
N TYR A 78 6.82 16.83 52.62
CA TYR A 78 6.53 16.60 51.21
C TYR A 78 5.28 15.74 51.08
N ALA A 79 4.42 16.10 50.14
CA ALA A 79 3.18 15.37 49.95
C ALA A 79 2.84 15.17 48.47
N CYS A 80 1.72 14.50 48.25
CA CYS A 80 1.21 14.26 46.91
C CYS A 80 -0.28 14.54 46.93
N ARG A 81 -0.70 15.64 46.31
CA ARG A 81 -2.12 15.92 46.23
C ARG A 81 -2.69 15.34 44.94
N VAL A 82 -3.64 14.44 45.08
CA VAL A 82 -4.26 13.80 43.93
C VAL A 82 -5.77 13.98 43.94
N ASN A 83 -6.33 14.44 42.83
CA ASN A 83 -7.77 14.39 42.69
C ASN A 83 -8.20 13.63 41.48
N HIS A 84 -9.19 12.77 41.72
CA HIS A 84 -9.79 11.94 40.70
C HIS A 84 -11.31 12.11 40.88
N VAL A 85 -12.07 11.57 39.94
CA VAL A 85 -13.51 11.69 40.00
C VAL A 85 -14.09 10.79 41.11
N THR A 86 -13.32 9.79 41.55
CA THR A 86 -13.78 8.89 42.60
C THR A 86 -13.37 9.39 43.98
N LEU A 87 -12.96 10.64 44.04
CA LEU A 87 -12.55 11.25 45.31
C LEU A 87 -13.40 12.48 45.58
N SER A 88 -14.16 12.44 46.69
CA SER A 88 -15.04 13.53 47.08
C SER A 88 -14.24 14.83 47.22
N GLN A 89 -13.12 14.71 47.93
CA GLN A 89 -12.15 15.79 48.02
C GLN A 89 -10.77 15.24 47.67
N PRO A 90 -9.86 16.10 47.22
CA PRO A 90 -8.46 15.74 46.95
C PRO A 90 -7.87 14.83 48.03
N LYS A 91 -6.90 14.01 47.64
CA LYS A 91 -6.32 13.05 48.56
C LYS A 91 -4.84 13.29 48.68
N ILE A 92 -4.42 13.72 49.87
CA ILE A 92 -3.04 14.06 50.13
C ILE A 92 -2.32 12.93 50.83
N VAL A 93 -1.13 12.57 50.33
CA VAL A 93 -0.34 11.49 50.89
C VAL A 93 1.04 11.97 51.29
N LYS A 94 1.45 11.66 52.52
CA LYS A 94 2.76 12.03 53.05
C LYS A 94 3.84 11.04 52.60
N TRP A 95 5.11 11.41 52.73
CA TRP A 95 6.18 10.82 51.93
C TRP A 95 6.95 9.61 52.48
N ASP A 96 7.78 9.80 53.51
CA ASP A 96 8.95 8.90 53.69
C ASP A 96 8.82 7.69 54.62
N ARG A 97 9.70 6.71 54.40
CA ARG A 97 9.89 5.58 55.30
C ARG A 97 11.29 5.64 55.92
N LEU B 2 10.52 8.90 -5.90
CA LEU B 2 11.38 8.11 -6.77
C LEU B 2 11.10 6.61 -6.63
N ALA B 3 11.54 5.85 -7.62
CA ALA B 3 11.28 4.41 -7.72
C ALA B 3 12.10 3.57 -6.75
N LYS B 4 11.41 2.89 -5.86
CA LYS B 4 12.09 2.00 -4.92
C LYS B 4 12.17 0.59 -5.49
N THR B 5 11.47 0.36 -6.60
CA THR B 5 11.59 -0.92 -7.29
C THR B 5 12.34 -0.76 -8.60
N THR B 6 13.21 -1.73 -8.87
CA THR B 6 13.87 -1.84 -10.17
C THR B 6 13.57 -3.18 -10.84
N GLN B 7 13.30 -3.13 -12.15
CA GLN B 7 13.01 -4.33 -12.92
C GLN B 7 13.36 -4.08 -14.39
N PRO B 8 13.58 -5.16 -15.15
CA PRO B 8 13.93 -5.02 -16.58
C PRO B 8 12.88 -4.23 -17.35
N ILE B 9 13.32 -3.35 -18.25
CA ILE B 9 12.40 -2.57 -19.06
C ILE B 9 11.51 -3.47 -19.92
N SER B 10 12.09 -4.52 -20.45
CA SER B 10 11.30 -5.45 -21.25
C SER B 10 11.91 -6.83 -21.24
N MET B 11 11.09 -7.82 -21.58
CA MET B 11 11.62 -9.13 -21.85
C MET B 11 10.77 -9.82 -22.90
N ASP B 12 11.38 -10.79 -23.57
CA ASP B 12 10.75 -11.55 -24.64
C ASP B 12 10.59 -12.98 -24.17
N SER B 13 9.54 -13.63 -24.63
CA SER B 13 9.33 -15.03 -24.31
C SER B 13 8.57 -15.71 -25.43
N TYR B 14 8.72 -17.03 -25.54
CA TYR B 14 7.94 -17.79 -26.49
C TYR B 14 6.73 -18.35 -25.78
N GLU B 15 5.60 -18.48 -26.46
CA GLU B 15 4.42 -19.10 -25.88
C GLU B 15 4.74 -20.52 -25.41
N GLY B 16 4.13 -20.95 -24.30
CA GLY B 16 4.37 -22.28 -23.75
C GLY B 16 5.54 -22.38 -22.76
N GLN B 17 6.19 -21.26 -22.47
CA GLN B 17 7.31 -21.27 -21.54
C GLN B 17 6.97 -20.51 -20.26
N GLU B 18 7.50 -20.98 -19.15
CA GLU B 18 7.33 -20.28 -17.88
C GLU B 18 8.08 -18.96 -17.96
N VAL B 19 7.53 -17.90 -17.35
CA VAL B 19 8.21 -16.63 -17.37
C VAL B 19 8.46 -16.14 -15.95
N ASN B 20 9.69 -15.77 -15.65
CA ASN B 20 10.02 -15.28 -14.34
C ASN B 20 10.48 -13.84 -14.45
N ILE B 21 9.96 -12.98 -13.58
CA ILE B 21 10.32 -11.57 -13.61
C ILE B 21 10.82 -11.16 -12.25
N THR B 22 12.11 -10.85 -12.17
CA THR B 22 12.71 -10.47 -10.91
C THR B 22 12.74 -8.97 -10.76
N CYS B 23 12.24 -8.52 -9.61
CA CYS B 23 12.17 -7.12 -9.25
C CYS B 23 13.12 -6.86 -8.10
N SER B 24 13.91 -5.79 -8.17
CA SER B 24 14.81 -5.45 -7.08
C SER B 24 14.25 -4.35 -6.19
N HIS B 25 14.35 -4.55 -4.88
CA HIS B 25 13.88 -3.54 -3.95
C HIS B 25 14.68 -3.64 -2.65
N ASN B 26 15.96 -3.28 -2.77
CA ASN B 26 16.94 -3.33 -1.69
C ASN B 26 16.53 -2.51 -0.46
N ASN B 27 15.98 -1.34 -0.69
CA ASN B 27 15.62 -0.45 0.42
C ASN B 27 14.23 -0.71 0.99
N ILE B 28 13.69 -1.90 0.72
CA ILE B 28 12.34 -2.18 1.18
C ILE B 28 12.30 -1.98 2.70
N ALA B 29 11.24 -1.36 3.19
CA ALA B 29 11.08 -1.15 4.62
C ALA B 29 10.38 -2.35 5.23
N THR B 30 10.60 -2.57 6.52
CA THR B 30 9.96 -3.66 7.25
C THR B 30 8.42 -3.70 7.12
N ASN B 31 7.76 -2.55 7.04
CA ASN B 31 6.30 -2.55 6.96
C ASN B 31 5.76 -2.59 5.54
N ASP B 32 6.64 -2.60 4.55
CA ASP B 32 6.19 -2.62 3.16
C ASP B 32 5.72 -3.99 2.71
N TYR B 33 4.63 -4.00 1.95
CA TYR B 33 4.19 -5.18 1.22
C TYR B 33 4.63 -5.10 -0.22
N ILE B 34 4.68 -6.26 -0.89
CA ILE B 34 5.05 -6.35 -2.30
C ILE B 34 3.84 -6.69 -3.17
N THR B 35 3.52 -5.82 -4.13
CA THR B 35 2.33 -5.97 -4.92
C THR B 35 2.63 -5.90 -6.44
N TRP B 36 2.06 -6.82 -7.20
CA TRP B 36 2.23 -6.77 -8.65
C TRP B 36 0.94 -6.53 -9.42
N TYR B 37 1.05 -5.74 -10.50
CA TYR B 37 -0.04 -5.45 -11.39
C TYR B 37 0.28 -5.92 -12.82
N GLN B 38 -0.77 -6.22 -13.57
CA GLN B 38 -0.68 -6.67 -14.97
C GLN B 38 -1.53 -5.73 -15.83
N GLN B 39 -0.89 -5.11 -16.81
CA GLN B 39 -1.57 -4.17 -17.68
C GLN B 39 -1.58 -4.66 -19.13
N PHE B 40 -2.75 -5.12 -19.56
CA PHE B 40 -2.97 -5.52 -20.94
C PHE B 40 -2.96 -4.28 -21.83
N PRO B 41 -2.67 -4.47 -23.13
CA PRO B 41 -2.67 -3.30 -24.02
C PRO B 41 -4.01 -2.61 -23.99
N SER B 42 -3.99 -1.28 -24.05
CA SER B 42 -5.21 -0.47 -24.09
C SER B 42 -6.15 -0.69 -22.91
N GLN B 43 -5.61 -1.20 -21.79
CA GLN B 43 -6.37 -1.34 -20.56
C GLN B 43 -5.62 -0.69 -19.39
N GLY B 44 -6.32 -0.45 -18.27
CA GLY B 44 -5.63 -0.04 -17.06
C GLY B 44 -4.96 -1.23 -16.40
N PRO B 45 -3.95 -0.98 -15.56
CA PRO B 45 -3.41 -2.15 -14.86
C PRO B 45 -4.44 -2.86 -13.97
N ARG B 46 -4.19 -4.13 -13.71
CA ARG B 46 -4.99 -4.86 -12.76
C ARG B 46 -4.10 -5.55 -11.74
N PHE B 47 -4.54 -5.50 -10.49
CA PHE B 47 -3.91 -6.21 -9.37
C PHE B 47 -3.83 -7.69 -9.70
N ILE B 48 -2.70 -8.34 -9.47
CA ILE B 48 -2.67 -9.79 -9.66
C ILE B 48 -2.14 -10.60 -8.49
N ILE B 49 -1.23 -10.03 -7.71
CA ILE B 49 -0.69 -10.81 -6.60
C ILE B 49 -0.03 -9.87 -5.60
N GLN B 50 0.00 -10.28 -4.34
CA GLN B 50 0.63 -9.49 -3.29
C GLN B 50 1.17 -10.43 -2.23
N GLY B 51 2.28 -10.07 -1.57
CA GLY B 51 2.84 -10.90 -0.54
C GLY B 51 3.67 -10.06 0.41
N TYR B 52 4.16 -10.68 1.47
CA TYR B 52 5.05 -10.02 2.43
C TYR B 52 6.33 -10.84 2.53
N LYS B 53 6.19 -12.11 2.88
CA LYS B 53 7.38 -12.94 3.01
C LYS B 53 7.11 -14.34 2.49
N THR B 54 6.00 -14.90 2.93
CA THR B 54 5.64 -16.25 2.53
C THR B 54 5.30 -16.31 1.04
N LYS B 55 5.72 -17.38 0.36
CA LYS B 55 5.38 -17.56 -1.06
C LYS B 55 3.86 -17.50 -1.28
N VAL B 56 3.42 -16.85 -2.35
CA VAL B 56 2.02 -16.77 -2.66
C VAL B 56 1.75 -17.31 -4.05
N THR B 57 0.67 -18.07 -4.20
CA THR B 57 0.29 -18.60 -5.49
C THR B 57 -1.22 -18.47 -5.68
N ASN B 58 -1.62 -18.03 -6.87
CA ASN B 58 -3.03 -18.01 -7.26
C ASN B 58 -3.08 -18.50 -8.71
N GLU B 59 -4.20 -18.27 -9.39
CA GLU B 59 -4.38 -18.83 -10.74
C GLU B 59 -3.59 -18.09 -11.81
N VAL B 60 -3.12 -16.90 -11.48
CA VAL B 60 -2.49 -16.01 -12.44
C VAL B 60 -0.96 -16.05 -12.33
N ALA B 61 -0.47 -16.24 -11.12
CA ALA B 61 0.97 -16.16 -10.89
C ALA B 61 1.34 -16.75 -9.56
N SER B 62 2.64 -16.93 -9.37
CA SER B 62 3.19 -17.15 -8.05
C SER B 62 4.25 -16.09 -7.75
N LEU B 63 4.40 -15.76 -6.48
CA LEU B 63 5.30 -14.68 -6.10
C LEU B 63 6.30 -15.22 -5.11
N PHE B 64 7.58 -15.22 -5.49
CA PHE B 64 8.65 -15.71 -4.63
CA PHE B 64 8.62 -15.69 -4.58
C PHE B 64 9.33 -14.52 -3.94
N ILE B 65 9.55 -14.64 -2.65
CA ILE B 65 10.21 -13.60 -1.87
C ILE B 65 11.32 -14.23 -1.04
N PRO B 66 12.57 -13.91 -1.36
CA PRO B 66 13.66 -14.52 -0.60
C PRO B 66 13.79 -13.94 0.80
N ALA B 67 14.67 -14.55 1.59
CA ALA B 67 14.79 -14.28 3.01
C ALA B 67 14.91 -12.81 3.36
N ASP B 68 15.74 -12.07 2.63
CA ASP B 68 15.99 -10.70 3.05
C ASP B 68 14.97 -9.73 2.48
N ARG B 69 14.06 -10.26 1.66
CA ARG B 69 13.05 -9.48 0.95
C ARG B 69 13.66 -8.38 0.08
N LYS B 70 14.94 -8.52 -0.29
CA LYS B 70 15.62 -7.48 -1.07
C LYS B 70 15.15 -7.46 -2.51
N SER B 71 14.56 -8.58 -2.94
CA SER B 71 14.04 -8.74 -4.29
C SER B 71 12.77 -9.58 -4.25
N SER B 72 12.16 -9.81 -5.40
CA SER B 72 11.08 -10.79 -5.48
C SER B 72 10.86 -11.21 -6.93
N THR B 73 10.30 -12.40 -7.10
CA THR B 73 10.15 -12.96 -8.44
C THR B 73 8.70 -13.28 -8.73
N LEU B 74 8.18 -12.68 -9.79
CA LEU B 74 6.89 -13.07 -10.32
C LEU B 74 7.07 -14.23 -11.30
N SER B 75 6.32 -15.30 -11.07
CA SER B 75 6.43 -16.50 -11.89
C SER B 75 5.10 -16.75 -12.60
N LEU B 76 5.10 -16.55 -13.92
CA LEU B 76 3.93 -16.80 -14.77
C LEU B 76 3.99 -18.21 -15.31
N PRO B 77 2.92 -19.00 -15.09
CA PRO B 77 2.90 -20.32 -15.71
C PRO B 77 2.91 -20.16 -17.25
N ARG B 78 3.42 -21.20 -17.92
CA ARG B 78 3.48 -21.30 -19.38
C ARG B 78 2.61 -20.28 -20.14
N VAL B 79 3.25 -19.24 -20.69
CA VAL B 79 2.49 -18.08 -21.16
C VAL B 79 1.84 -18.32 -22.49
N SER B 80 0.75 -17.59 -22.75
CA SER B 80 0.15 -17.62 -24.06
C SER B 80 0.29 -16.20 -24.61
N LEU B 81 -0.02 -16.02 -25.89
CA LEU B 81 0.18 -14.72 -26.53
C LEU B 81 -0.58 -13.61 -25.80
N SER B 82 -1.75 -13.92 -25.25
CA SER B 82 -2.58 -12.92 -24.60
C SER B 82 -1.97 -12.43 -23.29
N ASP B 83 -0.93 -13.09 -22.81
CA ASP B 83 -0.17 -12.64 -21.65
C ASP B 83 0.80 -11.50 -21.94
N THR B 84 0.87 -11.08 -23.20
CA THR B 84 1.63 -9.88 -23.54
C THR B 84 1.07 -8.66 -22.77
N ALA B 85 1.91 -7.99 -22.00
CA ALA B 85 1.44 -6.99 -21.04
C ALA B 85 2.59 -6.32 -20.34
N VAL B 86 2.32 -5.22 -19.64
CA VAL B 86 3.34 -4.64 -18.76
C VAL B 86 3.12 -5.18 -17.35
N TYR B 87 4.18 -5.71 -16.74
CA TYR B 87 4.12 -6.19 -15.37
C TYR B 87 4.84 -5.22 -14.42
N TYR B 88 4.06 -4.65 -13.50
CA TYR B 88 4.58 -3.70 -12.49
C TYR B 88 4.81 -4.36 -11.15
N CYS B 89 5.96 -4.08 -10.60
CA CYS B 89 6.32 -4.47 -9.25
C CYS B 89 6.32 -3.23 -8.37
N LEU B 90 5.51 -3.26 -7.32
CA LEU B 90 5.41 -2.13 -6.38
C LEU B 90 5.69 -2.59 -4.94
N VAL B 91 6.38 -1.75 -4.19
CA VAL B 91 6.69 -2.01 -2.79
C VAL B 91 6.20 -0.81 -2.00
N GLY B 92 5.41 -1.04 -0.96
CA GLY B 92 5.01 0.10 -0.15
C GLY B 92 3.86 -0.07 0.81
N GLU B 93 3.33 1.07 1.26
CA GLU B 93 2.30 1.12 2.26
C GLU B 93 1.43 2.33 1.98
N ILE B 94 0.13 2.20 2.18
CA ILE B 94 -0.77 3.31 1.92
C ILE B 94 -1.96 3.24 2.83
N LEU B 95 -2.28 4.40 3.42
CA LEU B 95 -3.42 4.55 4.32
C LEU B 95 -3.69 6.05 4.52
N ASP B 96 -4.94 6.44 4.29
CA ASP B 96 -5.36 7.83 4.43
C ASP B 96 -4.37 8.68 3.65
N ASN B 97 -3.86 9.77 4.24
CA ASN B 97 -3.00 10.69 3.50
C ASN B 97 -1.60 10.14 3.21
N PHE B 98 -1.21 9.06 3.90
CA PHE B 98 0.09 8.45 3.73
C PHE B 98 0.10 7.53 2.49
N ASN B 99 0.90 7.87 1.49
CA ASN B 99 0.96 7.05 0.27
C ASN B 99 2.37 6.92 -0.24
N LYS B 100 3.00 5.81 0.14
CA LYS B 100 4.31 5.40 -0.36
C LYS B 100 4.13 4.22 -1.36
N PHE B 101 3.22 4.35 -2.31
CA PHE B 101 2.86 3.23 -3.17
C PHE B 101 2.87 3.69 -4.60
N TYR B 102 4.01 3.47 -5.25
CA TYR B 102 4.41 4.07 -6.52
C TYR B 102 4.65 3.02 -7.61
N PHE B 103 4.00 3.19 -8.76
CA PHE B 103 4.09 2.20 -9.85
C PHE B 103 5.44 1.97 -10.52
N GLY B 104 6.06 3.01 -11.06
CA GLY B 104 7.23 2.76 -11.87
C GLY B 104 6.90 2.42 -13.32
N SER B 105 7.92 2.02 -14.09
CA SER B 105 7.80 1.74 -15.53
C SER B 105 7.42 0.30 -15.85
N GLY B 106 7.77 -0.65 -14.99
CA GLY B 106 7.34 -2.02 -15.19
C GLY B 106 8.17 -2.79 -16.23
N THR B 107 7.82 -4.05 -16.42
CA THR B 107 8.46 -4.90 -17.43
C THR B 107 7.47 -5.19 -18.56
N LYS B 108 7.77 -4.68 -19.75
CA LYS B 108 6.99 -5.03 -20.94
C LYS B 108 7.27 -6.46 -21.34
N LEU B 109 6.31 -7.36 -21.19
CA LEU B 109 6.52 -8.74 -21.60
C LEU B 109 5.95 -8.97 -22.99
N ASN B 110 6.83 -9.28 -23.94
CA ASN B 110 6.39 -9.68 -25.28
CA ASN B 110 6.42 -9.66 -25.28
C ASN B 110 6.46 -11.17 -25.47
N VAL B 111 5.31 -11.77 -25.75
CA VAL B 111 5.24 -13.21 -25.92
C VAL B 111 5.19 -13.46 -27.42
N LYS B 112 6.09 -14.31 -27.88
CA LYS B 112 6.25 -14.60 -29.30
C LYS B 112 5.63 -15.96 -29.61
N PRO B 113 5.03 -16.10 -30.81
CA PRO B 113 4.46 -17.38 -31.25
C PRO B 113 5.52 -18.37 -31.65
N ASN B 114 5.23 -19.65 -31.44
CA ASN B 114 6.06 -20.75 -31.90
C ASN B 114 5.72 -21.12 -33.33
N ILE B 115 6.37 -20.49 -34.30
CA ILE B 115 6.01 -20.76 -35.69
C ILE B 115 6.47 -22.17 -36.09
N GLN B 116 5.50 -23.01 -36.40
CA GLN B 116 5.67 -24.45 -36.66
C GLN B 116 6.52 -24.76 -37.88
N ASN B 117 6.11 -24.22 -39.03
CA ASN B 117 6.93 -24.35 -40.21
C ASN B 117 6.97 -23.03 -40.91
N PRO B 118 8.01 -22.24 -40.61
CA PRO B 118 8.25 -20.94 -41.24
C PRO B 118 8.38 -21.11 -42.76
N ASP B 119 7.77 -20.18 -43.48
CA ASP B 119 7.79 -20.18 -44.95
C ASP B 119 7.97 -18.72 -45.38
N PRO B 120 9.05 -18.07 -44.93
CA PRO B 120 9.20 -16.62 -45.15
C PRO B 120 9.02 -16.24 -46.62
N ALA B 121 8.30 -15.16 -46.88
CA ALA B 121 8.04 -14.76 -48.25
C ALA B 121 7.74 -13.29 -48.30
N VAL B 122 7.95 -12.67 -49.46
CA VAL B 122 7.60 -11.26 -49.61
C VAL B 122 6.65 -11.08 -50.80
N TYR B 123 5.42 -10.67 -50.51
CA TYR B 123 4.35 -10.60 -51.51
C TYR B 123 3.94 -9.17 -51.83
N GLN B 124 3.62 -8.86 -53.07
CA GLN B 124 3.09 -7.55 -53.49
C GLN B 124 1.52 -7.58 -53.57
N LEU B 125 0.86 -6.60 -52.94
CA LEU B 125 -0.61 -6.44 -52.92
C LEU B 125 -0.88 -5.05 -53.58
N ARG B 126 -1.87 -5.03 -54.45
CA ARG B 126 -2.29 -3.81 -55.15
C ARG B 126 -3.65 -3.31 -54.59
N ASP B 127 -3.84 -1.97 -54.56
CA ASP B 127 -5.02 -1.29 -54.02
C ASP B 127 -6.29 -1.85 -54.66
N SER B 128 -7.37 -1.92 -53.88
CA SER B 128 -8.67 -2.38 -54.38
C SER B 128 -9.23 -1.37 -55.39
N LYS B 129 -9.15 -0.09 -55.04
CA LYS B 129 -9.34 1.01 -56.00
C LYS B 129 -8.05 1.21 -56.79
N SER B 130 -8.02 2.14 -57.74
CA SER B 130 -6.82 2.30 -58.55
C SER B 130 -5.67 2.92 -57.76
N SER B 131 -4.48 2.84 -58.34
CA SER B 131 -3.20 3.08 -57.65
C SER B 131 -3.02 4.44 -56.98
N ASP B 132 -3.07 4.45 -55.65
CA ASP B 132 -2.57 5.58 -54.87
C ASP B 132 -1.23 5.15 -54.24
N LYS B 133 -1.23 3.96 -53.66
CA LYS B 133 -0.01 3.35 -53.17
C LYS B 133 0.09 1.91 -53.67
N SER B 134 1.18 1.26 -53.26
CA SER B 134 1.37 -0.16 -53.45
C SER B 134 1.93 -0.67 -52.15
N VAL B 135 1.63 -1.92 -51.81
CA VAL B 135 1.97 -2.47 -50.52
C VAL B 135 2.74 -3.79 -50.66
N CYS B 136 3.80 -3.95 -49.86
CA CYS B 136 4.54 -5.21 -49.80
C CYS B 136 4.30 -5.89 -48.47
N LEU B 137 4.21 -7.21 -48.49
CA LEU B 137 3.94 -7.93 -47.24
C LEU B 137 5.00 -9.01 -47.02
N PHE B 138 5.71 -8.87 -45.91
CA PHE B 138 6.71 -9.84 -45.51
C PHE B 138 6.01 -10.70 -44.48
N THR B 139 5.89 -11.99 -44.74
CA THR B 139 5.06 -12.81 -43.90
C THR B 139 5.59 -14.23 -43.72
N ASP B 140 5.09 -14.89 -42.69
CA ASP B 140 5.33 -16.31 -42.43
C ASP B 140 6.76 -16.60 -41.97
N PHE B 141 7.48 -15.56 -41.56
CA PHE B 141 8.82 -15.73 -41.00
C PHE B 141 8.80 -16.14 -39.53
N ASP B 142 9.91 -16.65 -39.02
CA ASP B 142 9.91 -17.09 -37.62
C ASP B 142 10.02 -15.89 -36.67
N SER B 143 9.71 -16.10 -35.41
CA SER B 143 9.52 -14.95 -34.49
C SER B 143 10.81 -14.20 -34.15
N GLN B 144 11.96 -14.79 -34.44
CA GLN B 144 13.21 -14.12 -34.12
C GLN B 144 13.60 -13.06 -35.15
N THR B 145 12.84 -12.99 -36.24
CA THR B 145 13.13 -12.03 -37.29
C THR B 145 12.96 -10.60 -36.81
N ASN B 146 13.99 -9.80 -37.00
CA ASN B 146 13.91 -8.40 -36.64
C ASN B 146 13.63 -7.58 -37.88
N VAL B 147 12.49 -6.90 -37.90
CA VAL B 147 12.21 -6.04 -39.02
C VAL B 147 12.69 -4.62 -38.75
N SER B 148 13.60 -4.13 -39.58
CA SER B 148 14.08 -2.78 -39.41
C SER B 148 13.22 -1.80 -40.19
N GLN B 149 13.26 -0.54 -39.80
CA GLN B 149 12.62 0.53 -40.52
C GLN B 149 13.40 0.80 -41.80
N SER B 150 12.81 1.54 -42.73
CA SER B 150 13.48 1.82 -44.00
C SER B 150 14.45 2.97 -43.89
N LYS B 151 15.50 2.88 -44.70
CA LYS B 151 16.51 3.91 -44.85
C LYS B 151 15.92 5.10 -45.62
N ASP B 152 14.85 4.85 -46.37
CA ASP B 152 14.25 5.90 -47.20
C ASP B 152 13.20 6.71 -46.47
N SER B 153 13.17 8.01 -46.76
CA SER B 153 12.23 8.91 -46.13
C SER B 153 10.80 8.67 -46.58
N ASP B 154 10.65 8.22 -47.81
CA ASP B 154 9.31 8.05 -48.38
C ASP B 154 8.80 6.62 -48.26
N VAL B 155 9.49 5.78 -47.52
CA VAL B 155 9.05 4.40 -47.33
C VAL B 155 8.73 4.12 -45.87
N TYR B 156 7.59 3.47 -45.66
CA TYR B 156 7.15 3.13 -44.31
C TYR B 156 7.15 1.64 -44.11
N ILE B 157 7.68 1.21 -42.98
CA ILE B 157 7.74 -0.21 -42.68
C ILE B 157 7.23 -0.39 -41.27
N THR B 158 6.20 -1.23 -41.12
CA THR B 158 5.63 -1.45 -39.82
C THR B 158 6.46 -2.48 -39.08
N ASP B 159 6.28 -2.58 -37.76
CA ASP B 159 6.86 -3.68 -37.01
C ASP B 159 6.14 -5.00 -37.32
N LYS B 160 6.70 -6.10 -36.86
CA LYS B 160 6.01 -7.35 -37.00
C LYS B 160 4.74 -7.34 -36.16
N CYS B 161 3.85 -8.29 -36.46
CA CYS B 161 2.53 -8.39 -35.88
C CYS B 161 2.10 -9.85 -35.97
N VAL B 162 1.63 -10.40 -34.88
CA VAL B 162 1.22 -11.77 -34.82
C VAL B 162 -0.29 -11.90 -35.10
N LEU B 163 -0.62 -12.72 -36.08
CA LEU B 163 -1.96 -12.95 -36.54
C LEU B 163 -2.33 -14.37 -36.18
N ASP B 164 -3.49 -14.55 -35.57
CA ASP B 164 -3.91 -15.88 -35.19
C ASP B 164 -5.18 -16.33 -35.89
N MET B 165 -5.06 -17.28 -36.80
CA MET B 165 -6.23 -17.85 -37.46
C MET B 165 -6.73 -19.01 -36.59
N ARG B 166 -7.66 -18.70 -35.70
CA ARG B 166 -8.02 -19.62 -34.64
C ARG B 166 -8.63 -20.90 -35.20
N SER B 167 -9.51 -20.77 -36.20
CA SER B 167 -10.18 -21.94 -36.78
C SER B 167 -9.19 -22.95 -37.38
N MET B 168 -8.07 -22.47 -37.91
CA MET B 168 -7.09 -23.36 -38.54
C MET B 168 -5.98 -23.82 -37.59
N ASP B 169 -5.93 -23.24 -36.38
CA ASP B 169 -4.84 -23.47 -35.43
C ASP B 169 -3.51 -23.00 -35.98
N PHE B 170 -3.54 -21.82 -36.58
CA PHE B 170 -2.38 -21.34 -37.32
C PHE B 170 -2.04 -19.91 -36.95
N LYS B 171 -0.80 -19.70 -36.59
CA LYS B 171 -0.33 -18.38 -36.25
C LYS B 171 0.74 -17.94 -37.21
N SER B 172 0.71 -16.69 -37.64
CA SER B 172 1.77 -16.18 -38.51
C SER B 172 2.15 -14.73 -38.20
N ASN B 173 3.44 -14.42 -38.39
CA ASN B 173 3.99 -13.07 -38.32
C ASN B 173 3.89 -12.35 -39.65
N SER B 174 3.79 -11.03 -39.61
CA SER B 174 4.00 -10.26 -40.82
C SER B 174 4.42 -8.86 -40.53
N ALA B 175 4.97 -8.22 -41.54
CA ALA B 175 5.22 -6.80 -41.48
C ALA B 175 4.78 -6.22 -42.82
N VAL B 176 4.47 -4.94 -42.82
CA VAL B 176 3.94 -4.30 -44.02
C VAL B 176 4.90 -3.19 -44.39
N ALA B 177 5.19 -3.05 -45.68
CA ALA B 177 5.96 -1.92 -46.15
C ALA B 177 5.27 -1.27 -47.34
N TRP B 178 5.35 0.05 -47.44
CA TRP B 178 4.71 0.72 -48.55
C TRP B 178 5.29 2.09 -48.83
N SER B 179 4.92 2.61 -49.99
CA SER B 179 5.41 3.89 -50.47
C SER B 179 4.58 4.36 -51.65
N ASN B 180 4.60 5.65 -51.90
CA ASN B 180 3.93 6.19 -53.07
C ASN B 180 4.91 6.64 -54.13
N LYS B 181 6.19 6.35 -53.94
CA LYS B 181 7.18 6.51 -55.01
C LYS B 181 6.98 5.38 -56.01
N SER B 182 7.15 5.68 -57.29
CA SER B 182 6.91 4.69 -58.33
C SER B 182 8.12 3.76 -58.48
N ASP B 183 9.26 4.14 -57.89
CA ASP B 183 10.45 3.31 -57.91
C ASP B 183 10.53 2.38 -56.70
N PHE B 184 9.36 1.98 -56.19
CA PHE B 184 9.28 1.11 -55.03
C PHE B 184 8.92 -0.31 -55.45
N ALA B 185 9.81 -1.24 -55.15
CA ALA B 185 9.64 -2.63 -55.57
C ALA B 185 9.86 -3.57 -54.39
N CYS B 186 8.98 -4.56 -54.25
CA CYS B 186 9.03 -5.45 -53.10
C CYS B 186 10.36 -6.23 -52.98
N ALA B 187 11.07 -6.40 -54.10
CA ALA B 187 12.33 -7.13 -54.08
C ALA B 187 13.32 -6.53 -53.07
N ASN B 188 13.32 -5.21 -52.94
CA ASN B 188 14.27 -4.53 -52.09
C ASN B 188 13.63 -3.73 -50.95
N ALA B 189 12.32 -3.89 -50.77
CA ALA B 189 11.60 -3.15 -49.70
C ALA B 189 12.16 -3.41 -48.30
N PHE B 190 12.49 -4.65 -48.00
CA PHE B 190 12.93 -4.98 -46.66
C PHE B 190 14.47 -5.08 -46.58
N ASN B 191 15.13 -4.34 -47.48
CA ASN B 191 16.61 -4.31 -47.57
C ASN B 191 17.32 -3.96 -46.26
N ASN B 192 16.74 -3.05 -45.49
CA ASN B 192 17.40 -2.58 -44.27
C ASN B 192 17.20 -3.56 -43.10
N SER B 193 16.54 -4.69 -43.39
CA SER B 193 16.31 -5.75 -42.42
C SER B 193 17.14 -6.98 -42.76
N ILE B 194 17.26 -7.87 -41.79
CA ILE B 194 17.97 -9.12 -42.02
C ILE B 194 16.98 -10.26 -42.19
N ILE B 195 16.79 -10.68 -43.43
CA ILE B 195 15.78 -11.68 -43.75
C ILE B 195 16.42 -13.00 -44.15
N PRO B 196 15.65 -14.11 -44.05
CA PRO B 196 16.21 -15.45 -44.30
C PRO B 196 16.69 -15.63 -45.73
N GLU B 197 17.77 -16.38 -45.88
CA GLU B 197 18.36 -16.61 -47.18
C GLU B 197 17.38 -17.33 -48.10
N ASP B 198 16.56 -18.17 -47.48
CA ASP B 198 15.54 -18.94 -48.18
C ASP B 198 14.20 -18.19 -48.37
N THR B 199 14.16 -16.88 -48.14
CA THR B 199 12.88 -16.16 -48.27
C THR B 199 12.37 -16.23 -49.72
N PHE B 200 11.10 -16.60 -49.88
CA PHE B 200 10.45 -16.71 -51.20
C PHE B 200 10.08 -15.32 -51.75
N PHE B 201 10.65 -14.99 -52.90
CA PHE B 201 10.34 -13.77 -53.63
C PHE B 201 9.74 -14.17 -54.97
N PRO B 202 8.41 -14.17 -55.12
CA PRO B 202 7.85 -14.54 -56.44
C PRO B 202 8.16 -13.52 -57.54
N SER B 203 7.87 -13.87 -58.79
CA SER B 203 8.07 -12.97 -59.94
C SER B 203 6.96 -11.94 -60.11
N VAL C 3 -16.32 -4.26 -9.32
CA VAL C 3 -15.11 -3.85 -10.03
C VAL C 3 -15.50 -2.91 -11.19
N LYS C 4 -16.31 -1.89 -10.88
CA LYS C 4 -16.80 -0.98 -11.91
C LYS C 4 -16.32 0.48 -11.72
N VAL C 5 -15.17 0.79 -12.31
CA VAL C 5 -14.61 2.13 -12.32
C VAL C 5 -14.80 2.70 -13.73
N THR C 6 -15.47 3.84 -13.87
CA THR C 6 -15.72 4.35 -15.22
C THR C 6 -15.08 5.71 -15.44
N GLN C 7 -14.80 6.03 -16.69
CA GLN C 7 -14.38 7.39 -17.05
C GLN C 7 -15.23 7.90 -18.21
N SER C 8 -15.53 9.19 -18.17
CA SER C 8 -16.51 9.84 -19.06
C SER C 8 -16.01 9.96 -20.49
N SER C 9 -14.73 10.26 -20.64
CA SER C 9 -14.16 10.47 -21.96
C SER C 9 -13.22 9.35 -22.30
N ARG C 10 -13.17 8.98 -23.57
CA ARG C 10 -12.21 7.99 -24.00
C ARG C 10 -11.13 8.68 -24.84
N TYR C 11 -11.52 9.60 -25.71
CA TYR C 11 -10.56 10.39 -26.48
C TYR C 11 -10.91 11.87 -26.47
N LEU C 12 -9.91 12.72 -26.25
CA LEU C 12 -10.12 14.15 -26.24
C LEU C 12 -9.03 14.90 -26.99
N VAL C 13 -9.44 15.84 -27.82
CA VAL C 13 -8.49 16.82 -28.33
C VAL C 13 -8.85 18.19 -27.76
N LYS C 14 -7.85 18.89 -27.22
CA LYS C 14 -8.06 20.21 -26.60
C LYS C 14 -7.03 21.23 -27.07
N ARG C 15 -7.41 22.50 -27.19
CA ARG C 15 -6.46 23.58 -27.47
C ARG C 15 -5.76 23.99 -26.19
N THR C 16 -4.51 24.43 -26.31
CA THR C 16 -3.78 24.98 -25.17
C THR C 16 -4.58 26.14 -24.58
N GLY C 17 -4.64 26.22 -23.27
CA GLY C 17 -5.33 27.32 -22.63
C GLY C 17 -6.71 26.90 -22.16
N GLU C 18 -7.27 25.83 -22.75
CA GLU C 18 -8.62 25.38 -22.35
C GLU C 18 -8.63 24.70 -20.97
N LYS C 19 -9.71 24.92 -20.23
CA LYS C 19 -9.94 24.18 -18.99
C LYS C 19 -10.61 22.83 -19.31
N VAL C 20 -9.94 21.73 -18.99
CA VAL C 20 -10.40 20.44 -19.42
C VAL C 20 -10.80 19.60 -18.22
N PHE C 21 -11.96 18.94 -18.32
CA PHE C 21 -12.53 18.21 -17.20
C PHE C 21 -12.52 16.71 -17.45
N LEU C 22 -11.89 15.93 -16.58
CA LEU C 22 -11.95 14.47 -16.72
C LEU C 22 -12.69 13.86 -15.53
N GLU C 23 -13.61 12.95 -15.83
CA GLU C 23 -14.43 12.34 -14.81
C GLU C 23 -14.04 10.92 -14.50
N CYS C 24 -14.14 10.57 -13.23
CA CYS C 24 -13.97 9.20 -12.81
C CYS C 24 -15.02 8.88 -11.76
N VAL C 25 -15.72 7.77 -11.94
CA VAL C 25 -16.79 7.34 -11.08
C VAL C 25 -16.56 5.89 -10.72
N GLN C 26 -16.71 5.55 -9.45
CA GLN C 26 -16.75 4.14 -9.08
C GLN C 26 -18.02 3.90 -8.28
N ASP C 27 -18.52 2.67 -8.29
CA ASP C 27 -19.72 2.36 -7.56
C ASP C 27 -19.43 1.32 -6.49
N MET C 28 -18.20 1.31 -5.99
CA MET C 28 -17.80 0.29 -5.04
C MET C 28 -17.74 0.84 -3.60
N ASP C 29 -18.14 2.09 -3.41
CA ASP C 29 -18.09 2.74 -2.09
C ASP C 29 -16.67 2.85 -1.52
N HIS C 30 -15.68 2.91 -2.40
CA HIS C 30 -14.27 2.99 -2.04
C HIS C 30 -13.90 4.35 -1.46
N GLU C 31 -13.14 4.34 -0.38
CA GLU C 31 -12.64 5.60 0.19
C GLU C 31 -11.56 6.29 -0.66
N ASN C 32 -10.65 5.52 -1.26
CA ASN C 32 -9.57 6.11 -2.09
C ASN C 32 -9.94 6.16 -3.58
N MET C 33 -9.62 7.30 -4.20
CA MET C 33 -9.60 7.45 -5.64
C MET C 33 -8.28 8.14 -6.02
N PHE C 34 -7.80 7.86 -7.24
CA PHE C 34 -6.47 8.29 -7.71
C PHE C 34 -6.56 8.79 -9.18
N TRP C 35 -5.79 9.81 -9.53
CA TRP C 35 -5.54 10.13 -10.94
C TRP C 35 -4.03 10.01 -11.24
N TYR C 36 -3.74 9.14 -12.20
CA TYR C 36 -2.40 8.90 -12.72
C TYR C 36 -2.29 9.35 -14.17
N ARG C 37 -1.10 9.73 -14.62
CA ARG C 37 -0.91 9.75 -16.07
C ARG C 37 0.17 8.71 -16.42
N GLN C 38 0.03 8.12 -17.59
CA GLN C 38 0.97 7.12 -18.10
C GLN C 38 1.58 7.68 -19.36
N ASP C 39 2.91 7.75 -19.40
CA ASP C 39 3.62 8.25 -20.56
C ASP C 39 4.75 7.28 -20.96
N PRO C 40 5.08 7.20 -22.28
CA PRO C 40 6.09 6.26 -22.76
C PRO C 40 7.36 6.35 -21.94
N GLY C 41 7.77 5.20 -21.40
CA GLY C 41 9.01 5.11 -20.67
C GLY C 41 8.91 5.48 -19.20
N LEU C 42 7.88 6.24 -18.82
CA LEU C 42 7.76 6.74 -17.45
C LEU C 42 6.79 5.97 -16.57
N GLY C 43 6.05 5.02 -17.15
CA GLY C 43 5.07 4.27 -16.38
C GLY C 43 3.92 5.15 -15.92
N LEU C 44 3.29 4.80 -14.79
CA LEU C 44 2.19 5.63 -14.28
C LEU C 44 2.70 6.55 -13.19
N ARG C 45 2.41 7.83 -13.33
CA ARG C 45 2.80 8.79 -12.30
C ARG C 45 1.55 9.39 -11.67
N LEU C 46 1.56 9.48 -10.33
CA LEU C 46 0.38 9.95 -9.60
C LEU C 46 0.31 11.47 -9.66
N ILE C 47 -0.84 11.97 -10.10
CA ILE C 47 -1.12 13.39 -10.11
C ILE C 47 -1.71 13.86 -8.77
N TYR C 48 -2.84 13.23 -8.39
CA TYR C 48 -3.59 13.53 -7.17
C TYR C 48 -4.23 12.27 -6.69
N PHE C 49 -4.36 12.14 -5.37
CA PHE C 49 -5.28 11.14 -4.84
C PHE C 49 -6.15 11.76 -3.74
N SER C 50 -7.20 11.03 -3.38
CA SER C 50 -8.19 11.44 -2.41
C SER C 50 -8.53 10.23 -1.57
N TYR C 51 -8.37 10.35 -0.26
CA TYR C 51 -8.62 9.19 0.60
C TYR C 51 -10.00 9.26 1.25
N ASP C 52 -10.76 10.30 0.91
CA ASP C 52 -12.16 10.38 1.36
C ASP C 52 -12.82 11.60 0.76
N VAL C 53 -14.15 11.67 0.85
CA VAL C 53 -14.90 12.78 0.27
C VAL C 53 -14.26 14.06 0.82
N LYS C 54 -14.10 15.06 -0.06
CA LYS C 54 -13.52 16.36 0.28
C LYS C 54 -12.00 16.39 0.52
N MET C 55 -11.37 15.22 0.67
CA MET C 55 -9.94 15.15 0.97
C MET C 55 -9.07 15.05 -0.28
N LYS C 56 -8.04 15.89 -0.38
CA LYS C 56 -7.17 15.90 -1.54
C LYS C 56 -5.73 15.78 -1.11
N GLU C 57 -4.98 14.98 -1.84
CA GLU C 57 -3.56 14.91 -1.58
C GLU C 57 -2.80 14.94 -2.90
N LYS C 58 -1.96 15.96 -3.05
CA LYS C 58 -1.05 16.07 -4.20
C LYS C 58 -0.24 14.80 -4.35
N GLY C 59 -0.08 14.34 -5.58
CA GLY C 59 0.76 13.18 -5.81
C GLY C 59 2.15 13.69 -6.12
N ASP C 60 2.85 13.00 -7.02
CA ASP C 60 4.19 13.42 -7.36
C ASP C 60 4.22 14.51 -8.39
N ILE C 61 3.20 14.55 -9.25
CA ILE C 61 3.13 15.58 -10.28
C ILE C 61 1.78 16.32 -10.32
N PRO C 62 1.52 17.16 -9.32
CA PRO C 62 0.22 17.86 -9.25
C PRO C 62 0.12 19.09 -10.14
N GLU C 63 1.27 19.65 -10.51
CA GLU C 63 1.32 20.97 -11.16
C GLU C 63 0.45 21.04 -12.40
N GLY C 64 -0.33 22.12 -12.53
CA GLY C 64 -1.21 22.35 -13.65
C GLY C 64 -2.54 21.62 -13.60
N TYR C 65 -2.77 20.84 -12.55
CA TYR C 65 -4.02 20.11 -12.36
C TYR C 65 -4.76 20.56 -11.13
N SER C 66 -6.09 20.41 -11.12
CA SER C 66 -6.90 20.42 -9.89
C SER C 66 -7.73 19.14 -9.81
N VAL C 67 -8.34 18.90 -8.66
CA VAL C 67 -9.32 17.82 -8.55
C VAL C 67 -10.57 18.18 -7.76
N SER C 68 -11.58 17.33 -7.85
CA SER C 68 -12.83 17.50 -7.09
C SER C 68 -13.25 16.15 -6.50
N ARG C 69 -13.43 16.12 -5.18
CA ARG C 69 -14.06 14.99 -4.53
C ARG C 69 -15.20 15.50 -3.64
N GLU C 70 -16.30 15.89 -4.26
CA GLU C 70 -17.46 16.41 -3.55
C GLU C 70 -18.39 15.28 -3.12
N LYS C 71 -18.25 14.13 -3.75
CA LYS C 71 -18.99 12.94 -3.36
C LYS C 71 -18.06 11.75 -3.40
N LYS C 72 -18.35 10.71 -2.64
CA LYS C 72 -17.45 9.58 -2.52
C LYS C 72 -17.32 8.84 -3.86
N GLU C 73 -18.39 8.83 -4.65
CA GLU C 73 -18.43 8.06 -5.91
C GLU C 73 -17.53 8.64 -7.01
N ARG C 74 -17.24 9.93 -6.98
CA ARG C 74 -16.69 10.61 -8.15
C ARG C 74 -15.41 11.38 -7.83
N PHE C 75 -14.42 11.27 -8.70
CA PHE C 75 -13.16 12.01 -8.53
C PHE C 75 -12.86 12.69 -9.86
N SER C 76 -13.09 14.00 -9.94
CA SER C 76 -12.85 14.76 -11.16
C SER C 76 -11.44 15.33 -11.22
N LEU C 77 -10.83 15.29 -12.40
CA LEU C 77 -9.53 15.86 -12.69
C LEU C 77 -9.69 17.10 -13.55
N ILE C 78 -9.05 18.19 -13.18
CA ILE C 78 -9.20 19.38 -14.00
C ILE C 78 -7.84 19.88 -14.43
N LEU C 79 -7.72 20.13 -15.73
CA LEU C 79 -6.55 20.79 -16.29
C LEU C 79 -6.94 22.24 -16.39
N GLU C 80 -6.37 23.06 -15.52
CA GLU C 80 -6.89 24.40 -15.34
C GLU C 80 -6.64 25.25 -16.56
N SER C 81 -5.49 25.03 -17.19
CA SER C 81 -5.11 25.77 -18.40
C SER C 81 -4.23 24.86 -19.24
N ALA C 82 -4.86 24.09 -20.12
CA ALA C 82 -4.21 22.94 -20.74
C ALA C 82 -2.90 23.32 -21.44
N SER C 83 -1.86 22.53 -21.20
CA SER C 83 -0.61 22.70 -21.96
C SER C 83 -0.25 21.42 -22.76
N THR C 84 0.55 21.54 -23.81
CA THR C 84 0.86 20.38 -24.68
C THR C 84 1.53 19.24 -23.93
N ASN C 85 2.39 19.55 -22.98
CA ASN C 85 3.00 18.48 -22.18
C ASN C 85 2.00 17.80 -21.24
N GLN C 86 0.76 18.25 -21.23
CA GLN C 86 -0.26 17.48 -20.51
C GLN C 86 -0.91 16.41 -21.42
N THR C 87 -0.46 16.33 -22.68
CA THR C 87 -0.87 15.23 -23.59
C THR C 87 -0.47 13.89 -22.98
N SER C 88 -1.43 13.02 -22.73
CA SER C 88 -1.11 11.80 -22.01
C SER C 88 -2.25 10.84 -22.01
N MET C 89 -2.01 9.68 -21.40
CA MET C 89 -3.02 8.72 -21.07
C MET C 89 -3.38 8.83 -19.57
N TYR C 90 -4.61 9.22 -19.28
CA TYR C 90 -5.02 9.43 -17.90
C TYR C 90 -5.83 8.26 -17.37
N LEU C 91 -5.36 7.73 -16.25
CA LEU C 91 -5.94 6.55 -15.67
C LEU C 91 -6.38 6.80 -14.22
N CYS C 92 -7.68 6.62 -13.97
CA CYS C 92 -8.28 6.73 -12.66
C CYS C 92 -8.23 5.38 -11.95
N ALA C 93 -8.10 5.37 -10.63
CA ALA C 93 -8.26 4.12 -9.91
C ALA C 93 -9.01 4.37 -8.59
N SER C 94 -9.45 3.29 -7.95
CA SER C 94 -10.02 3.42 -6.60
C SER C 94 -9.61 2.22 -5.77
N SER C 95 -9.72 2.35 -4.46
CA SER C 95 -9.39 1.27 -3.54
C SER C 95 -10.05 1.53 -2.18
N GLN C 96 -10.14 0.49 -1.37
CA GLN C 96 -10.71 0.57 -0.04
C GLN C 96 -9.69 1.08 0.96
N ARG C 97 -10.16 1.81 1.97
CA ARG C 97 -9.28 2.33 3.01
C ARG C 97 -8.41 1.22 3.59
N GLN C 98 -8.98 0.02 3.70
CA GLN C 98 -8.33 -1.09 4.39
C GLN C 98 -7.34 -1.81 3.49
N GLU C 99 -7.35 -1.48 2.20
CA GLU C 99 -6.49 -2.17 1.25
C GLU C 99 -6.15 -1.22 0.11
N GLY C 100 -5.46 -0.15 0.46
CA GLY C 100 -5.34 0.99 -0.42
C GLY C 100 -4.48 0.62 -1.61
N ASP C 101 -3.66 -0.41 -1.43
CA ASP C 101 -2.73 -0.88 -2.45
C ASP C 101 -3.32 -2.00 -3.27
N THR C 102 -4.63 -2.24 -3.13
CA THR C 102 -5.35 -3.10 -4.07
C THR C 102 -6.29 -2.22 -4.90
N GLN C 103 -5.75 -1.66 -5.98
CA GLN C 103 -6.38 -0.60 -6.75
C GLN C 103 -7.06 -1.06 -8.03
N TYR C 104 -8.26 -0.53 -8.26
CA TYR C 104 -9.10 -0.91 -9.39
C TYR C 104 -9.11 0.24 -10.38
N PHE C 105 -8.78 -0.05 -11.63
CA PHE C 105 -8.52 1.00 -12.61
C PHE C 105 -9.68 1.20 -13.58
N GLY C 106 -9.95 2.43 -13.97
CA GLY C 106 -10.83 2.68 -15.09
C GLY C 106 -10.16 2.40 -16.43
N PRO C 107 -10.90 2.61 -17.52
CA PRO C 107 -10.43 2.20 -18.86
C PRO C 107 -9.50 3.23 -19.50
N GLY C 108 -9.38 4.43 -18.91
CA GLY C 108 -8.40 5.40 -19.36
C GLY C 108 -8.93 6.41 -20.37
N THR C 109 -8.28 7.57 -20.41
CA THR C 109 -8.65 8.66 -21.30
C THR C 109 -7.39 9.16 -21.96
N ARG C 110 -7.39 9.06 -23.28
CA ARG C 110 -6.33 9.59 -24.11
CA ARG C 110 -6.32 9.60 -24.10
C ARG C 110 -6.60 11.06 -24.40
N LEU C 111 -5.71 11.93 -23.94
CA LEU C 111 -5.93 13.36 -24.17
C LEU C 111 -4.78 13.97 -24.94
N THR C 112 -5.10 14.74 -25.97
CA THR C 112 -4.07 15.38 -26.78
C THR C 112 -4.29 16.85 -26.74
N VAL C 113 -3.32 17.60 -26.22
CA VAL C 113 -3.41 19.04 -26.20
C VAL C 113 -2.52 19.61 -27.27
N LEU C 114 -3.10 20.48 -28.11
CA LEU C 114 -2.35 21.11 -29.20
C LEU C 114 -2.41 22.61 -29.11
N GLU C 115 -1.37 23.27 -29.61
CA GLU C 115 -1.34 24.73 -29.76
C GLU C 115 -2.39 25.26 -30.76
N ASP C 116 -2.65 24.49 -31.82
CA ASP C 116 -3.78 24.81 -32.70
C ASP C 116 -4.34 23.55 -33.35
N LEU C 117 -5.57 23.64 -33.85
CA LEU C 117 -6.25 22.47 -34.32
C LEU C 117 -6.01 22.29 -35.82
N LYS C 118 -5.14 23.13 -36.38
CA LYS C 118 -4.89 23.13 -37.81
C LYS C 118 -4.21 21.86 -38.32
N ASN C 119 -3.49 21.16 -37.46
CA ASN C 119 -2.83 19.95 -37.93
C ASN C 119 -3.68 18.70 -37.67
N VAL C 120 -4.91 18.89 -37.24
CA VAL C 120 -5.79 17.74 -36.97
C VAL C 120 -6.38 17.25 -38.27
N PHE C 121 -6.23 15.96 -38.55
CA PHE C 121 -6.67 15.33 -39.80
C PHE C 121 -7.24 13.95 -39.55
N PRO C 122 -8.36 13.62 -40.17
CA PRO C 122 -8.82 12.23 -40.09
C PRO C 122 -7.99 11.35 -41.02
N PRO C 123 -8.02 10.03 -40.81
CA PRO C 123 -7.25 9.16 -41.71
C PRO C 123 -7.88 9.02 -43.10
N GLU C 124 -7.02 8.76 -44.08
CA GLU C 124 -7.43 8.15 -45.32
C GLU C 124 -7.29 6.67 -45.09
N VAL C 125 -8.18 5.89 -45.71
CA VAL C 125 -8.21 4.45 -45.48
C VAL C 125 -8.27 3.73 -46.82
N ALA C 126 -7.47 2.68 -47.00
CA ALA C 126 -7.42 1.95 -48.27
C ALA C 126 -7.17 0.47 -47.98
N VAL C 127 -7.85 -0.41 -48.73
CA VAL C 127 -7.70 -1.86 -48.55
C VAL C 127 -6.90 -2.42 -49.72
N PHE C 128 -5.93 -3.27 -49.41
CA PHE C 128 -5.12 -3.87 -50.46
C PHE C 128 -5.44 -5.37 -50.57
N GLU C 129 -5.68 -5.84 -51.80
CA GLU C 129 -6.16 -7.19 -52.04
C GLU C 129 -5.00 -8.20 -52.07
N PRO C 130 -5.26 -9.44 -51.63
CA PRO C 130 -4.26 -10.50 -51.49
C PRO C 130 -3.45 -10.78 -52.73
N SER C 131 -2.15 -10.98 -52.51
CA SER C 131 -1.23 -11.42 -53.54
C SER C 131 -1.64 -12.77 -54.14
N GLU C 132 -1.71 -12.83 -55.47
CA GLU C 132 -1.98 -14.09 -56.16
C GLU C 132 -0.85 -15.09 -55.85
N ALA C 133 0.37 -14.58 -55.70
CA ALA C 133 1.49 -15.42 -55.31
C ALA C 133 1.31 -16.02 -53.91
N GLU C 134 0.85 -15.21 -52.96
CA GLU C 134 0.55 -15.72 -51.62
C GLU C 134 -0.55 -16.81 -51.69
N ILE C 135 -1.53 -16.58 -52.55
CA ILE C 135 -2.67 -17.48 -52.65
C ILE C 135 -2.24 -18.88 -53.13
N SER C 136 -1.41 -18.95 -54.18
CA SER C 136 -0.99 -20.26 -54.68
C SER C 136 0.10 -20.92 -53.80
N HIS C 137 0.91 -20.12 -53.09
CA HIS C 137 1.97 -20.70 -52.27
C HIS C 137 1.52 -21.21 -50.90
N THR C 138 0.55 -20.52 -50.31
CA THR C 138 0.14 -20.83 -48.94
C THR C 138 -1.33 -21.31 -48.82
N GLN C 139 -2.10 -21.09 -49.89
CA GLN C 139 -3.55 -21.35 -49.87
C GLN C 139 -4.27 -20.46 -48.85
N LYS C 140 -3.64 -19.36 -48.50
CA LYS C 140 -4.24 -18.37 -47.60
C LYS C 140 -4.18 -17.03 -48.31
N ALA C 141 -4.92 -16.05 -47.79
CA ALA C 141 -5.05 -14.76 -48.46
C ALA C 141 -5.03 -13.63 -47.43
N THR C 142 -4.04 -12.75 -47.51
CA THR C 142 -3.91 -11.65 -46.56
C THR C 142 -4.30 -10.33 -47.19
N LEU C 143 -5.35 -9.72 -46.66
CA LEU C 143 -5.70 -8.37 -47.01
C LEU C 143 -4.97 -7.42 -46.04
N VAL C 144 -4.58 -6.27 -46.54
CA VAL C 144 -3.95 -5.25 -45.70
C VAL C 144 -4.79 -4.00 -45.71
N CYS C 145 -5.03 -3.42 -44.55
CA CYS C 145 -5.60 -2.08 -44.49
C CYS C 145 -4.54 -1.04 -44.04
N LEU C 146 -4.48 0.07 -44.76
CA LEU C 146 -3.66 1.20 -44.37
C LEU C 146 -4.51 2.41 -43.94
N ALA C 147 -4.32 2.89 -42.73
CA ALA C 147 -4.88 4.17 -42.29
C ALA C 147 -3.76 5.21 -42.29
N THR C 148 -3.89 6.26 -43.11
CA THR C 148 -2.76 7.16 -43.34
C THR C 148 -3.13 8.63 -43.17
N GLY C 149 -2.11 9.43 -42.84
CA GLY C 149 -2.23 10.88 -42.76
C GLY C 149 -3.09 11.43 -41.63
N PHE C 150 -3.25 10.68 -40.54
CA PHE C 150 -4.15 11.15 -39.50
C PHE C 150 -3.39 11.76 -38.32
N TYR C 151 -4.09 12.65 -37.63
CA TYR C 151 -3.51 13.36 -36.49
C TYR C 151 -4.63 13.94 -35.68
N PRO C 152 -4.57 13.80 -34.34
CA PRO C 152 -3.60 13.08 -33.50
C PRO C 152 -3.70 11.56 -33.61
N ASP C 153 -2.92 10.81 -32.84
CA ASP C 153 -3.01 9.35 -32.85
C ASP C 153 -4.16 8.81 -32.02
N HIS C 154 -5.38 9.02 -32.54
CA HIS C 154 -6.59 8.57 -31.88
C HIS C 154 -7.46 7.78 -32.87
N VAL C 155 -7.08 6.55 -33.14
CA VAL C 155 -7.88 5.72 -34.04
C VAL C 155 -8.10 4.35 -33.46
N GLU C 156 -9.20 3.75 -33.90
CA GLU C 156 -9.50 2.36 -33.61
C GLU C 156 -9.90 1.67 -34.91
N LEU C 157 -9.07 0.74 -35.36
CA LEU C 157 -9.32 0.03 -36.60
C LEU C 157 -10.03 -1.29 -36.33
N SER C 158 -10.98 -1.64 -37.18
CA SER C 158 -11.61 -2.95 -37.09
C SER C 158 -11.88 -3.54 -38.48
N TRP C 159 -11.97 -4.86 -38.56
CA TRP C 159 -12.36 -5.54 -39.78
C TRP C 159 -13.77 -6.12 -39.75
N TRP C 160 -14.47 -5.93 -40.85
CA TRP C 160 -15.83 -6.39 -40.97
C TRP C 160 -15.94 -7.33 -42.17
N VAL C 161 -16.39 -8.57 -41.95
CA VAL C 161 -16.62 -9.51 -43.06
C VAL C 161 -18.11 -9.86 -43.18
N ASN C 162 -18.63 -9.58 -44.37
CA ASN C 162 -20.05 -9.71 -44.70
C ASN C 162 -20.94 -9.04 -43.62
N GLY C 163 -20.50 -7.86 -43.21
CA GLY C 163 -21.27 -7.01 -42.34
C GLY C 163 -21.10 -7.31 -40.87
N LYS C 164 -20.24 -8.26 -40.52
CA LYS C 164 -19.97 -8.57 -39.10
C LYS C 164 -18.49 -8.42 -38.73
N GLU C 165 -18.24 -7.88 -37.56
CA GLU C 165 -16.88 -7.63 -37.13
C GLU C 165 -16.17 -8.94 -36.84
N VAL C 166 -14.92 -9.08 -37.26
CA VAL C 166 -14.16 -10.29 -36.99
C VAL C 166 -12.87 -9.98 -36.20
N HIS C 167 -12.34 -11.00 -35.50
CA HIS C 167 -11.13 -10.85 -34.71
C HIS C 167 -10.17 -11.98 -35.02
N SER C 168 -10.73 -13.08 -35.51
CA SER C 168 -9.89 -14.16 -35.99
C SER C 168 -9.07 -13.70 -37.19
N GLY C 169 -7.81 -14.09 -37.21
CA GLY C 169 -6.96 -13.85 -38.37
C GLY C 169 -6.62 -12.38 -38.57
N VAL C 170 -6.73 -11.59 -37.50
CA VAL C 170 -6.51 -10.16 -37.56
C VAL C 170 -5.23 -9.75 -36.82
N CYS C 171 -4.44 -8.85 -37.39
CA CYS C 171 -3.41 -8.18 -36.57
C CYS C 171 -3.21 -6.74 -36.95
N THR C 172 -3.35 -5.85 -35.96
CA THR C 172 -3.18 -4.43 -36.19
C THR C 172 -1.93 -3.93 -35.47
N ASP C 173 -1.14 -3.06 -36.09
CA ASP C 173 0.09 -2.53 -35.45
C ASP C 173 -0.27 -2.03 -34.06
N PRO C 174 0.48 -2.47 -33.02
CA PRO C 174 0.14 -1.98 -31.67
C PRO C 174 0.38 -0.50 -31.61
N GLN C 175 1.33 -0.01 -32.41
CA GLN C 175 1.54 1.42 -32.52
C GLN C 175 1.71 1.90 -33.94
N PRO C 176 1.25 3.13 -34.21
CA PRO C 176 1.38 3.78 -35.52
C PRO C 176 2.81 4.23 -35.84
N LEU C 177 3.03 4.62 -37.08
CA LEU C 177 4.29 5.20 -37.51
C LEU C 177 4.10 6.68 -37.76
N LYS C 178 5.19 7.43 -37.69
CA LYS C 178 5.21 8.80 -38.14
C LYS C 178 5.44 8.84 -39.63
N GLU C 179 4.62 9.58 -40.33
CA GLU C 179 4.86 9.73 -41.76
C GLU C 179 6.06 10.62 -42.01
N GLN C 180 6.34 11.52 -41.07
CA GLN C 180 7.54 12.34 -41.19
C GLN C 180 8.33 12.33 -39.88
N PRO C 181 9.22 11.34 -39.74
CA PRO C 181 9.97 11.05 -38.52
C PRO C 181 10.85 12.23 -38.12
N ALA C 182 11.28 13.04 -39.09
CA ALA C 182 12.09 14.23 -38.78
C ALA C 182 11.28 15.38 -38.16
N LEU C 183 9.95 15.26 -38.14
CA LEU C 183 9.08 16.31 -37.64
C LEU C 183 8.47 15.98 -36.29
N ASN C 184 8.38 16.97 -35.40
CA ASN C 184 7.56 16.81 -34.21
C ASN C 184 6.08 16.84 -34.57
N ASP C 185 5.80 17.42 -35.74
CA ASP C 185 4.43 17.69 -36.16
C ASP C 185 3.81 16.53 -36.92
N SER C 186 4.45 15.38 -36.89
CA SER C 186 4.20 14.35 -37.90
C SER C 186 2.82 13.74 -37.80
N ARG C 187 2.20 13.58 -38.95
CA ARG C 187 0.99 12.81 -39.04
C ARG C 187 1.37 11.35 -38.98
N TYR C 188 0.39 10.50 -38.73
CA TYR C 188 0.60 9.08 -38.50
C TYR C 188 0.00 8.15 -39.57
N ALA C 189 0.56 6.95 -39.65
CA ALA C 189 -0.01 5.88 -40.45
C ALA C 189 -0.14 4.64 -39.57
N LEU C 190 -1.10 3.77 -39.90
CA LEU C 190 -1.35 2.54 -39.15
C LEU C 190 -1.71 1.43 -40.14
N SER C 191 -1.25 0.21 -39.91
CA SER C 191 -1.66 -0.90 -40.78
C SER C 191 -2.26 -2.04 -40.01
N SER C 192 -3.01 -2.87 -40.73
CA SER C 192 -3.65 -4.05 -40.19
C SER C 192 -3.74 -5.13 -41.25
N ARG C 193 -3.69 -6.40 -40.84
CA ARG C 193 -3.89 -7.49 -41.77
C ARG C 193 -5.09 -8.27 -41.36
N LEU C 194 -5.80 -8.79 -42.36
CA LEU C 194 -6.83 -9.79 -42.14
C LEU C 194 -6.47 -10.95 -43.07
N ARG C 195 -6.20 -12.12 -42.50
CA ARG C 195 -5.80 -13.27 -43.29
C ARG C 195 -6.95 -14.27 -43.29
N VAL C 196 -7.35 -14.70 -44.49
CA VAL C 196 -8.35 -15.77 -44.64
C VAL C 196 -7.85 -16.89 -45.55
N SER C 197 -8.62 -17.95 -45.67
CA SER C 197 -8.24 -19.01 -46.60
C SER C 197 -8.40 -18.42 -48.00
N ALA C 198 -7.57 -18.86 -48.94
CA ALA C 198 -7.70 -18.40 -50.32
C ALA C 198 -9.09 -18.70 -50.92
N THR C 199 -9.72 -19.80 -50.53
CA THR C 199 -11.03 -20.13 -51.10
C THR C 199 -12.07 -19.08 -50.68
N PHE C 200 -11.96 -18.57 -49.46
CA PHE C 200 -12.90 -17.57 -48.96
C PHE C 200 -12.74 -16.23 -49.69
N TRP C 201 -11.50 -15.80 -49.84
CA TRP C 201 -11.22 -14.62 -50.63
C TRP C 201 -11.68 -14.79 -52.06
N GLN C 202 -11.56 -16.00 -52.60
CA GLN C 202 -11.87 -16.22 -54.01
C GLN C 202 -13.38 -16.19 -54.29
N ASN C 203 -14.20 -16.07 -53.26
CA ASN C 203 -15.65 -16.01 -53.45
C ASN C 203 -16.17 -14.57 -53.54
N PRO C 204 -16.66 -14.19 -54.72
CA PRO C 204 -17.07 -12.79 -54.99
C PRO C 204 -18.31 -12.34 -54.22
N ARG C 205 -18.94 -13.25 -53.49
CA ARG C 205 -20.06 -12.83 -52.65
C ARG C 205 -19.55 -12.39 -51.29
N ASN C 206 -18.28 -12.63 -50.99
CA ASN C 206 -17.73 -12.19 -49.73
C ASN C 206 -17.26 -10.73 -49.79
N HIS C 207 -17.59 -9.99 -48.73
CA HIS C 207 -17.35 -8.56 -48.63
C HIS C 207 -16.43 -8.27 -47.43
N PHE C 208 -15.38 -7.49 -47.65
CA PHE C 208 -14.42 -7.18 -46.60
C PHE C 208 -14.35 -5.69 -46.46
N ARG C 209 -14.41 -5.22 -45.23
CA ARG C 209 -14.34 -3.80 -44.99
C ARG C 209 -13.46 -3.51 -43.80
N CYS C 210 -12.48 -2.64 -44.00
CA CYS C 210 -11.65 -2.13 -42.93
C CYS C 210 -12.27 -0.83 -42.39
N GLN C 211 -12.57 -0.80 -41.09
CA GLN C 211 -13.20 0.40 -40.48
C GLN C 211 -12.27 1.12 -39.50
N VAL C 212 -12.10 2.43 -39.68
CA VAL C 212 -11.24 3.22 -38.78
C VAL C 212 -12.12 4.27 -38.09
N GLN C 213 -12.36 4.08 -36.80
CA GLN C 213 -12.96 5.14 -35.98
C GLN C 213 -11.87 6.16 -35.65
N PHE C 214 -11.97 7.37 -36.19
CA PHE C 214 -11.12 8.52 -35.79
C PHE C 214 -11.81 9.37 -34.68
N TYR C 215 -11.07 9.74 -33.63
CA TYR C 215 -11.53 10.69 -32.62
C TYR C 215 -10.84 12.04 -32.78
N GLY C 216 -11.61 13.03 -33.18
CA GLY C 216 -11.04 14.30 -33.57
C GLY C 216 -11.71 15.42 -32.81
N LEU C 217 -12.12 16.43 -33.56
CA LEU C 217 -12.81 17.58 -33.01
C LEU C 217 -14.27 17.24 -32.73
N SER C 218 -14.88 17.98 -31.82
CA SER C 218 -16.30 17.86 -31.58
C SER C 218 -17.01 19.13 -32.04
N GLU C 219 -18.31 19.17 -31.88
CA GLU C 219 -19.03 20.43 -31.92
C GLU C 219 -18.50 21.25 -30.73
N ASN C 220 -18.59 22.57 -30.81
CA ASN C 220 -17.97 23.50 -29.85
C ASN C 220 -16.45 23.61 -30.04
N ASP C 221 -15.93 23.03 -31.11
CA ASP C 221 -14.56 23.31 -31.54
C ASP C 221 -14.66 24.22 -32.76
N GLU C 222 -14.12 25.43 -32.67
CA GLU C 222 -14.29 26.36 -33.78
C GLU C 222 -13.44 25.95 -34.98
N TRP C 223 -13.96 26.16 -36.18
CA TRP C 223 -13.23 25.82 -37.38
C TRP C 223 -13.28 26.95 -38.40
N THR C 224 -12.13 27.26 -38.98
CA THR C 224 -11.96 28.42 -39.87
C THR C 224 -11.55 27.99 -41.27
N GLN C 225 -10.85 26.86 -41.36
CA GLN C 225 -10.09 26.50 -42.57
C GLN C 225 -10.91 26.04 -43.76
N ASP C 226 -10.23 25.89 -44.91
CA ASP C 226 -10.83 25.37 -46.13
C ASP C 226 -11.42 23.99 -45.94
N ARG C 227 -10.59 23.08 -45.45
CA ARG C 227 -10.94 21.67 -45.27
C ARG C 227 -12.24 21.46 -44.49
N ALA C 228 -12.91 20.34 -44.77
CA ALA C 228 -13.98 19.89 -43.91
C ALA C 228 -13.44 19.82 -42.47
N LYS C 229 -14.26 20.20 -41.50
CA LYS C 229 -13.87 20.12 -40.11
C LYS C 229 -13.54 18.67 -39.73
N PRO C 230 -12.38 18.46 -39.09
CA PRO C 230 -11.90 17.10 -38.81
C PRO C 230 -12.54 16.52 -37.54
N VAL C 231 -13.84 16.24 -37.63
CA VAL C 231 -14.56 15.80 -36.45
C VAL C 231 -14.34 14.32 -36.27
N THR C 232 -14.64 13.85 -35.05
CA THR C 232 -14.75 12.44 -34.79
C THR C 232 -15.64 11.82 -35.87
N GLN C 233 -15.16 10.75 -36.53
CA GLN C 233 -15.84 10.17 -37.69
C GLN C 233 -15.34 8.77 -38.03
N ILE C 234 -16.11 8.03 -38.82
CA ILE C 234 -15.67 6.72 -39.29
C ILE C 234 -15.17 6.81 -40.72
N VAL C 235 -14.02 6.23 -41.02
CA VAL C 235 -13.59 6.17 -42.40
C VAL C 235 -13.33 4.72 -42.74
N SER C 236 -13.87 4.26 -43.87
CA SER C 236 -13.85 2.86 -44.22
C SER C 236 -13.34 2.66 -45.63
N ALA C 237 -12.76 1.50 -45.89
CA ALA C 237 -12.42 1.10 -47.24
C ALA C 237 -12.82 -0.36 -47.38
N GLU C 238 -13.08 -0.82 -48.60
CA GLU C 238 -13.64 -2.15 -48.78
C GLU C 238 -13.12 -2.90 -50.01
N ALA C 239 -13.31 -4.20 -50.03
CA ALA C 239 -13.09 -4.96 -51.27
C ALA C 239 -14.04 -6.15 -51.30
N TRP C 240 -14.43 -6.59 -52.49
CA TRP C 240 -15.20 -7.81 -52.63
C TRP C 240 -14.26 -8.94 -53.01
N GLY C 241 -14.58 -10.17 -52.63
CA GLY C 241 -13.77 -11.30 -53.03
C GLY C 241 -13.72 -11.39 -54.56
N ARG C 242 -12.73 -12.09 -55.11
CA ARG C 242 -12.65 -12.22 -56.57
C ARG C 242 -12.07 -13.54 -57.01
N ALA C 243 -12.57 -14.04 -58.13
CA ALA C 243 -12.05 -15.27 -58.70
C ALA C 243 -10.68 -15.00 -59.30
N ASP C 244 -10.58 -13.87 -60.01
CA ASP C 244 -9.36 -13.43 -60.68
C ASP C 244 -8.70 -14.54 -61.50
N ALA D 1 7.77 -0.85 15.50
CA ALA D 1 6.90 0.08 14.80
C ALA D 1 5.44 -0.34 14.90
N PRO D 2 4.52 0.63 14.95
CA PRO D 2 3.12 0.24 15.07
C PRO D 2 2.57 -0.42 13.78
N ARG D 3 1.51 -1.22 13.91
CA ARG D 3 0.94 -1.86 12.74
C ARG D 3 0.19 -0.90 11.83
N GLY D 4 0.40 -1.08 10.53
CA GLY D 4 -0.26 -0.29 9.49
C GLY D 4 -1.50 -1.04 9.00
N PRO D 5 -2.06 -0.63 7.85
CA PRO D 5 -3.33 -1.17 7.33
C PRO D 5 -3.30 -2.69 7.15
N HIS D 6 -2.15 -3.25 6.77
CA HIS D 6 -2.01 -4.71 6.60
C HIS D 6 -2.05 -5.48 7.92
N GLY D 7 -2.00 -4.75 9.04
CA GLY D 7 -1.92 -5.41 10.32
C GLY D 7 -3.13 -5.13 11.17
N GLY D 8 -4.04 -4.28 10.69
CA GLY D 8 -5.27 -4.00 11.42
C GLY D 8 -5.57 -2.55 11.72
N ALA D 9 -4.68 -1.63 11.32
CA ALA D 9 -4.82 -0.20 11.66
C ALA D 9 -6.07 0.47 11.11
N ALA D 10 -6.71 -0.15 10.13
CA ALA D 10 -7.89 0.46 9.53
C ALA D 10 -9.12 -0.43 9.77
N SER D 11 -8.98 -1.36 10.73
CA SER D 11 -10.05 -2.29 11.06
C SER D 11 -10.68 -1.89 12.39
N GLY D 12 -11.87 -1.29 12.32
CA GLY D 12 -12.56 -0.81 13.49
C GLY D 12 -13.48 -1.85 14.14
N LEU D 13 -13.88 -1.59 15.37
CA LEU D 13 -14.68 -2.54 16.15
C LEU D 13 -16.15 -2.42 15.78
N GLY E 25 17.02 -13.59 26.91
CA GLY E 25 15.97 -14.53 27.27
C GLY E 25 14.77 -14.45 26.34
N SER E 26 13.60 -14.21 26.91
CA SER E 26 12.37 -14.06 26.13
C SER E 26 11.89 -12.62 26.16
N HIS E 27 11.69 -12.03 24.98
CA HIS E 27 11.42 -10.59 24.88
C HIS E 27 10.07 -10.26 24.28
N SER E 28 9.69 -8.98 24.42
CA SER E 28 8.38 -8.53 24.01
C SER E 28 8.38 -7.11 23.43
N MET E 29 7.64 -6.93 22.34
CA MET E 29 7.25 -5.60 21.95
C MET E 29 5.75 -5.44 22.17
N ARG E 30 5.36 -4.25 22.63
CA ARG E 30 3.96 -3.95 22.88
C ARG E 30 3.65 -2.48 22.70
N TYR E 31 2.50 -2.23 22.09
CA TYR E 31 1.96 -0.89 21.92
C TYR E 31 0.69 -0.77 22.76
N PHE E 32 0.56 0.35 23.46
CA PHE E 32 -0.58 0.62 24.33
C PHE E 32 -1.31 1.87 23.82
N TYR E 33 -2.51 1.68 23.30
CA TYR E 33 -3.28 2.79 22.75
C TYR E 33 -4.40 3.17 23.70
N THR E 34 -4.64 4.46 23.86
CA THR E 34 -5.81 4.94 24.59
C THR E 34 -6.51 6.05 23.81
N SER E 35 -7.78 5.83 23.49
CA SER E 35 -8.59 6.85 22.81
C SER E 35 -9.72 7.32 23.74
N VAL E 36 -9.81 8.62 23.99
CA VAL E 36 -10.79 9.14 24.95
C VAL E 36 -11.68 10.20 24.30
N SER E 37 -12.97 9.91 24.20
CA SER E 37 -13.90 10.87 23.60
C SER E 37 -14.24 11.98 24.59
N ARG E 38 -14.68 13.11 24.05
CA ARG E 38 -14.95 14.29 24.86
C ARG E 38 -15.93 15.20 24.14
N PRO E 39 -17.17 14.70 23.91
CA PRO E 39 -18.17 15.28 23.01
C PRO E 39 -18.41 16.77 23.26
N GLY E 40 -18.23 17.57 22.22
CA GLY E 40 -18.32 19.02 22.31
C GLY E 40 -16.96 19.69 22.34
N ARG E 41 -16.05 19.13 23.14
CA ARG E 41 -14.69 19.67 23.25
C ARG E 41 -13.79 19.19 22.12
N GLY E 42 -14.39 18.75 21.01
CA GLY E 42 -13.64 18.38 19.84
C GLY E 42 -13.58 16.87 19.61
N GLU E 43 -12.54 16.44 18.89
CA GLU E 43 -12.36 15.02 18.64
C GLU E 43 -11.79 14.27 19.86
N PRO E 44 -11.93 12.94 19.86
CA PRO E 44 -11.28 12.16 20.93
C PRO E 44 -9.77 12.37 20.96
N ARG E 45 -9.20 12.30 22.17
CA ARG E 45 -7.75 12.30 22.31
C ARG E 45 -7.21 10.90 22.06
N PHE E 46 -6.19 10.79 21.22
CA PHE E 46 -5.55 9.50 20.96
C PHE E 46 -4.13 9.55 21.44
N ILE E 47 -3.75 8.60 22.28
CA ILE E 47 -2.40 8.58 22.80
C ILE E 47 -1.83 7.17 22.63
N SER E 48 -0.57 7.08 22.21
CA SER E 48 0.10 5.79 22.11
C SER E 48 1.47 5.77 22.82
N VAL E 49 1.78 4.69 23.51
CA VAL E 49 3.14 4.41 23.92
C VAL E 49 3.57 3.01 23.48
N GLY E 50 4.85 2.85 23.15
CA GLY E 50 5.38 1.56 22.77
C GLY E 50 6.46 1.10 23.72
N TYR E 51 6.45 -0.19 24.06
CA TYR E 51 7.46 -0.76 24.95
C TYR E 51 8.21 -1.92 24.29
N VAL E 52 9.48 -2.07 24.65
CA VAL E 52 10.20 -3.32 24.46
C VAL E 52 10.54 -3.80 25.83
N ASP E 53 10.00 -4.97 26.19
CA ASP E 53 10.01 -5.44 27.56
C ASP E 53 9.43 -4.36 28.47
N ASP E 54 10.15 -4.02 29.54
CA ASP E 54 9.67 -2.99 30.45
C ASP E 54 10.23 -1.61 30.11
N THR E 55 10.70 -1.43 28.89
CA THR E 55 11.29 -0.15 28.49
C THR E 55 10.50 0.56 27.40
N GLN E 56 9.98 1.74 27.73
CA GLN E 56 9.22 2.56 26.80
C GLN E 56 10.16 3.24 25.80
N PHE E 57 9.82 3.26 24.51
CA PHE E 57 10.76 3.83 23.55
C PHE E 57 10.14 4.83 22.58
N VAL E 58 8.81 4.90 22.54
CA VAL E 58 8.15 5.92 21.72
C VAL E 58 6.85 6.40 22.36
N ARG E 59 6.39 7.57 21.94
CA ARG E 59 5.10 8.08 22.36
C ARG E 59 4.47 8.83 21.20
N PHE E 60 3.16 8.94 21.23
CA PHE E 60 2.42 9.82 20.35
C PHE E 60 1.20 10.39 21.11
N ASP E 61 0.86 11.65 20.88
CA ASP E 61 -0.26 12.30 21.56
C ASP E 61 -0.96 13.26 20.62
N SER E 62 -2.19 12.93 20.22
CA SER E 62 -2.86 13.75 19.21
C SER E 62 -3.12 15.19 19.69
N ASP E 63 -3.00 15.44 21.00
CA ASP E 63 -3.22 16.78 21.53
C ASP E 63 -1.96 17.65 21.57
N ALA E 64 -0.82 17.03 21.28
CA ALA E 64 0.45 17.74 21.30
C ALA E 64 0.41 18.91 20.30
N ALA E 65 1.16 19.97 20.61
CA ALA E 65 1.19 21.15 19.77
C ALA E 65 1.61 20.79 18.35
N SER E 66 2.55 19.85 18.23
CA SER E 66 2.98 19.37 16.91
C SER E 66 3.05 17.84 16.92
N PRO E 67 1.90 17.19 16.72
CA PRO E 67 1.76 15.74 16.90
C PRO E 67 2.66 14.90 15.96
N ARG E 68 3.62 14.19 16.52
CA ARG E 68 4.52 13.34 15.79
C ARG E 68 4.90 12.26 16.76
N GLU E 69 5.32 11.10 16.27
CA GLU E 69 5.94 10.10 17.15
C GLU E 69 7.30 10.65 17.62
N GLU E 70 7.62 10.41 18.87
CA GLU E 70 8.82 10.94 19.50
C GLU E 70 9.54 9.83 20.20
N PRO E 71 10.89 9.91 20.26
CA PRO E 71 11.72 8.90 20.92
C PRO E 71 11.66 9.04 22.43
N ARG E 72 11.67 7.92 23.14
CA ARG E 72 11.68 7.97 24.59
C ARG E 72 12.78 7.05 25.14
N ALA E 73 13.63 6.57 24.24
CA ALA E 73 14.82 5.83 24.64
C ALA E 73 15.96 6.17 23.70
N PRO E 74 17.18 6.29 24.25
CA PRO E 74 18.42 6.49 23.52
C PRO E 74 18.56 5.66 22.24
N TRP E 75 18.28 4.36 22.32
CA TRP E 75 18.62 3.47 21.22
C TRP E 75 17.71 3.54 20.00
N ILE E 76 16.56 4.21 20.11
CA ILE E 76 15.61 4.33 19.01
C ILE E 76 15.84 5.62 18.22
N GLU E 77 16.68 6.50 18.75
CA GLU E 77 16.96 7.76 18.07
C GLU E 77 17.78 7.52 16.80
N GLN E 78 18.29 6.31 16.65
CA GLN E 78 18.99 5.87 15.45
C GLN E 78 18.13 5.92 14.18
N GLU E 79 16.83 5.68 14.33
CA GLU E 79 15.92 5.64 13.20
C GLU E 79 15.86 6.99 12.51
N GLY E 80 15.82 6.97 11.18
CA GLY E 80 15.83 8.21 10.43
C GLY E 80 14.45 8.82 10.34
N PRO E 81 14.37 9.97 9.68
CA PRO E 81 13.14 10.72 9.42
C PRO E 81 12.00 9.88 8.86
N GLU E 82 12.32 8.93 7.97
CA GLU E 82 11.27 8.14 7.31
C GLU E 82 10.55 7.29 8.34
N TYR E 83 11.29 6.76 9.29
CA TYR E 83 10.69 6.00 10.37
C TYR E 83 9.66 6.83 11.16
N TRP E 84 10.06 8.02 11.57
CA TRP E 84 9.19 8.87 12.38
C TRP E 84 7.96 9.34 11.60
N ASP E 85 8.16 9.67 10.33
CA ASP E 85 7.09 10.22 9.52
C ASP E 85 6.00 9.17 9.26
N ARG E 86 6.41 7.98 8.79
CA ARG E 86 5.45 6.89 8.57
C ARG E 86 4.70 6.51 9.87
N ASN E 87 5.43 6.37 10.99
CA ASN E 87 4.76 5.98 12.24
C ASN E 87 3.74 7.07 12.66
N THR E 88 4.13 8.33 12.50
CA THR E 88 3.24 9.45 12.75
C THR E 88 1.93 9.37 11.92
N GLN E 89 2.03 9.04 10.63
CA GLN E 89 0.85 9.06 9.77
C GLN E 89 -0.06 7.87 10.09
N ILE E 90 0.57 6.75 10.45
CA ILE E 90 -0.14 5.56 10.94
C ILE E 90 -0.92 5.82 12.26
N TYR E 91 -0.32 6.49 13.25
CA TYR E 91 -1.08 6.86 14.47
C TYR E 91 -2.27 7.72 14.12
N LYS E 92 -2.05 8.73 13.28
CA LYS E 92 -3.14 9.62 12.90
C LYS E 92 -4.27 8.81 12.30
N ALA E 93 -3.95 7.84 11.42
CA ALA E 93 -4.99 6.98 10.86
C ALA E 93 -5.63 6.05 11.89
N GLN E 94 -4.80 5.47 12.75
CA GLN E 94 -5.33 4.69 13.85
C GLN E 94 -6.31 5.51 14.73
N ALA E 95 -5.98 6.76 15.03
CA ALA E 95 -6.86 7.64 15.81
C ALA E 95 -8.23 7.69 15.14
N GLN E 96 -8.21 7.79 13.81
CA GLN E 96 -9.44 7.92 13.05
C GLN E 96 -10.20 6.61 13.11
N THR E 97 -9.51 5.50 12.93
CA THR E 97 -10.14 4.20 13.12
C THR E 97 -10.75 4.06 14.53
N ASP E 98 -10.04 4.54 15.56
CA ASP E 98 -10.55 4.50 16.96
C ASP E 98 -11.80 5.37 17.16
N ARG E 99 -11.86 6.49 16.47
CA ARG E 99 -13.01 7.38 16.53
C ARG E 99 -14.27 6.66 16.05
N GLU E 100 -14.15 5.96 14.94
CA GLU E 100 -15.24 5.13 14.43
C GLU E 100 -15.62 4.01 15.38
N SER E 101 -14.63 3.33 15.93
CA SER E 101 -14.87 2.31 16.95
C SER E 101 -15.67 2.86 18.14
N LEU E 102 -15.31 4.05 18.61
CA LEU E 102 -15.98 4.62 19.76
C LEU E 102 -17.43 4.98 19.44
N ARG E 103 -17.68 5.32 18.18
CA ARG E 103 -19.04 5.58 17.73
C ARG E 103 -19.84 4.28 17.76
N ASN E 104 -19.29 3.25 17.11
CA ASN E 104 -19.90 1.93 17.09
C ASN E 104 -20.19 1.44 18.52
N LEU E 105 -19.17 1.47 19.38
CA LEU E 105 -19.33 1.04 20.77
C LEU E 105 -20.45 1.75 21.53
N ARG E 106 -20.61 3.05 21.26
CA ARG E 106 -21.63 3.86 21.95
C ARG E 106 -23.02 3.38 21.55
N GLY E 107 -23.16 2.98 20.29
CA GLY E 107 -24.38 2.36 19.83
C GLY E 107 -24.60 1.01 20.50
N TYR E 108 -23.61 0.13 20.41
CA TYR E 108 -23.73 -1.22 20.99
C TYR E 108 -24.23 -1.21 22.41
N TYR E 109 -23.77 -0.25 23.21
CA TYR E 109 -24.16 -0.22 24.60
C TYR E 109 -25.28 0.77 24.85
N ASN E 110 -25.92 1.23 23.78
CA ASN E 110 -27.02 2.18 23.88
C ASN E 110 -26.71 3.37 24.79
N GLN E 111 -25.56 4.01 24.59
CA GLN E 111 -25.15 5.04 25.52
C GLN E 111 -25.43 6.45 25.02
N SER E 112 -25.60 7.36 25.98
CA SER E 112 -25.86 8.76 25.71
C SER E 112 -24.76 9.42 24.87
N GLU E 113 -25.18 10.19 23.86
CA GLU E 113 -24.26 10.90 22.99
C GLU E 113 -23.36 11.87 23.75
N ALA E 114 -23.60 12.02 25.05
CA ALA E 114 -22.99 13.07 25.85
C ALA E 114 -21.88 12.58 26.75
N GLY E 115 -21.88 11.29 27.09
CA GLY E 115 -20.87 10.74 27.97
C GLY E 115 -19.53 10.57 27.28
N SER E 116 -18.45 10.81 28.03
CA SER E 116 -17.10 10.51 27.57
C SER E 116 -16.85 9.02 27.77
N HIS E 117 -16.11 8.42 26.85
CA HIS E 117 -15.85 6.98 26.89
C HIS E 117 -14.42 6.64 26.52
N THR E 118 -13.94 5.49 27.00
CA THR E 118 -12.54 5.14 26.83
C THR E 118 -12.34 3.82 26.10
N LEU E 119 -11.58 3.87 25.01
CA LEU E 119 -11.16 2.64 24.34
C LEU E 119 -9.66 2.39 24.47
N GLN E 120 -9.31 1.30 25.14
CA GLN E 120 -7.91 0.93 25.32
C GLN E 120 -7.53 -0.23 24.41
N SER E 121 -6.38 -0.13 23.76
CA SER E 121 -5.89 -1.20 22.90
C SER E 121 -4.48 -1.61 23.29
N MET E 122 -4.27 -2.92 23.39
CA MET E 122 -2.93 -3.42 23.53
C MET E 122 -2.67 -4.57 22.57
N TYR E 123 -1.58 -4.47 21.80
CA TYR E 123 -1.15 -5.55 20.93
C TYR E 123 0.37 -5.70 20.94
N GLY E 124 0.85 -6.85 20.47
CA GLY E 124 2.29 -7.07 20.40
C GLY E 124 2.69 -8.52 20.46
N CYS E 125 4.01 -8.77 20.44
CA CYS E 125 4.56 -10.10 20.24
C CYS E 125 5.59 -10.49 21.31
N ASP E 126 5.53 -11.75 21.75
CA ASP E 126 6.52 -12.35 22.63
C ASP E 126 7.38 -13.30 21.82
N VAL E 127 8.70 -13.20 21.98
CA VAL E 127 9.60 -14.15 21.36
C VAL E 127 10.53 -14.78 22.39
N GLY E 128 11.09 -15.93 22.04
CA GLY E 128 12.11 -16.56 22.86
C GLY E 128 13.49 -16.14 22.41
N PRO E 129 14.54 -16.75 23.00
CA PRO E 129 15.93 -16.48 22.56
C PRO E 129 16.14 -16.94 21.13
N ASP E 130 15.30 -17.90 20.72
CA ASP E 130 15.22 -18.36 19.34
C ASP E 130 14.95 -17.21 18.39
N GLY E 131 14.21 -16.21 18.87
CA GLY E 131 13.85 -15.07 18.06
C GLY E 131 12.63 -15.37 17.21
N ARG E 132 11.98 -16.49 17.51
CA ARG E 132 10.76 -16.87 16.81
C ARG E 132 9.55 -16.43 17.63
N LEU E 133 8.40 -16.31 16.99
CA LEU E 133 7.20 -15.90 17.71
C LEU E 133 6.78 -16.94 18.75
N LEU E 134 6.71 -16.52 20.00
CA LEU E 134 6.30 -17.40 21.08
C LEU E 134 4.82 -17.22 21.38
N ARG E 135 4.35 -15.97 21.26
CA ARG E 135 2.98 -15.64 21.60
C ARG E 135 2.56 -14.31 21.03
N GLY E 136 1.33 -14.22 20.53
CA GLY E 136 0.79 -12.97 20.05
C GLY E 136 -0.29 -12.40 20.95
N HIS E 137 -0.39 -11.07 21.00
CA HIS E 137 -1.44 -10.38 21.75
C HIS E 137 -2.13 -9.29 20.91
N ASP E 138 -3.45 -9.18 21.06
CA ASP E 138 -4.21 -8.15 20.38
C ASP E 138 -5.56 -8.02 21.08
N GLN E 139 -5.70 -7.04 21.97
CA GLN E 139 -6.80 -6.98 22.93
C GLN E 139 -7.40 -5.58 23.11
N TYR E 140 -8.62 -5.52 23.63
CA TYR E 140 -9.33 -4.25 23.80
C TYR E 140 -10.14 -4.20 25.10
N ALA E 141 -10.12 -3.04 25.75
CA ALA E 141 -11.01 -2.73 26.87
C ALA E 141 -11.85 -1.48 26.58
N TYR E 142 -13.13 -1.52 26.96
CA TYR E 142 -14.01 -0.37 26.77
C TYR E 142 -14.56 0.10 28.14
N ASP E 143 -14.26 1.35 28.48
CA ASP E 143 -14.59 1.93 29.78
C ASP E 143 -14.10 1.06 30.95
N GLY E 144 -12.88 0.56 30.84
CA GLY E 144 -12.28 -0.18 31.94
C GLY E 144 -12.51 -1.69 31.92
N LYS E 145 -13.45 -2.17 31.10
CA LYS E 145 -13.72 -3.60 31.04
C LYS E 145 -13.21 -4.24 29.75
N ASP E 146 -12.70 -5.47 29.89
CA ASP E 146 -12.42 -6.32 28.74
C ASP E 146 -13.55 -6.26 27.75
N TYR E 147 -13.20 -6.09 26.48
CA TYR E 147 -14.20 -6.08 25.42
C TYR E 147 -13.96 -7.30 24.54
N ILE E 148 -12.93 -7.25 23.71
CA ILE E 148 -12.63 -8.37 22.86
C ILE E 148 -11.12 -8.62 22.83
N ALA E 149 -10.71 -9.86 22.57
CA ALA E 149 -9.30 -10.21 22.60
C ALA E 149 -9.01 -11.40 21.72
N LEU E 150 -7.89 -11.33 21.01
CA LEU E 150 -7.44 -12.41 20.14
C LEU E 150 -6.89 -13.57 20.94
N ASN E 151 -7.38 -14.79 20.69
CA ASN E 151 -6.90 -15.96 21.40
C ASN E 151 -5.48 -16.33 21.00
N GLU E 152 -4.84 -17.17 21.80
CA GLU E 152 -3.44 -17.51 21.59
C GLU E 152 -3.22 -18.21 20.24
N ASP E 153 -4.25 -18.82 19.69
CA ASP E 153 -4.13 -19.50 18.40
C ASP E 153 -4.08 -18.50 17.25
N LEU E 154 -4.36 -17.24 17.59
CA LEU E 154 -4.29 -16.11 16.66
C LEU E 154 -5.25 -16.29 15.49
N ARG E 155 -6.29 -17.11 15.69
CA ARG E 155 -7.25 -17.38 14.64
C ARG E 155 -8.67 -17.23 15.14
N SER E 156 -8.81 -16.87 16.41
CA SER E 156 -10.13 -16.79 17.01
C SER E 156 -10.17 -15.71 18.09
N TRP E 157 -11.37 -15.28 18.42
CA TRP E 157 -11.58 -14.17 19.34
C TRP E 157 -12.41 -14.61 20.53
N THR E 158 -12.12 -14.03 21.68
CA THR E 158 -12.96 -14.16 22.86
C THR E 158 -13.68 -12.84 23.08
N ALA E 159 -15.00 -12.83 22.92
CA ALA E 159 -15.79 -11.65 23.23
C ALA E 159 -16.19 -11.66 24.70
N ALA E 160 -16.06 -10.53 25.38
CA ALA E 160 -16.34 -10.47 26.82
C ALA E 160 -17.83 -10.40 27.16
N ASP E 161 -18.60 -9.64 26.38
CA ASP E 161 -20.03 -9.58 26.62
C ASP E 161 -20.79 -9.62 25.30
N THR E 162 -22.10 -9.44 25.39
CA THR E 162 -22.99 -9.49 24.23
C THR E 162 -22.62 -8.42 23.19
N ALA E 163 -22.13 -7.27 23.65
CA ALA E 163 -21.76 -6.18 22.73
C ALA E 163 -20.58 -6.58 21.86
N ALA E 164 -19.56 -7.14 22.48
CA ALA E 164 -18.36 -7.53 21.75
C ALA E 164 -18.61 -8.69 20.79
N GLN E 165 -19.79 -9.30 20.87
CA GLN E 165 -20.12 -10.41 20.00
C GLN E 165 -20.44 -9.93 18.60
N ILE E 166 -20.91 -8.69 18.53
CA ILE E 166 -21.14 -8.03 17.26
C ILE E 166 -19.82 -7.83 16.54
N THR E 167 -18.85 -7.32 17.29
CA THR E 167 -17.54 -7.09 16.73
C THR E 167 -17.00 -8.43 16.28
N GLN E 168 -17.19 -9.46 17.11
CA GLN E 168 -16.68 -10.79 16.82
C GLN E 168 -17.12 -11.32 15.46
N ARG E 169 -18.44 -11.38 15.24
CA ARG E 169 -18.96 -11.82 13.95
C ARG E 169 -18.42 -10.95 12.79
N LYS E 170 -18.32 -9.65 13.02
CA LYS E 170 -17.83 -8.70 12.03
C LYS E 170 -16.45 -9.10 11.53
N TRP E 171 -15.57 -9.41 12.48
CA TRP E 171 -14.18 -9.73 12.18
C TRP E 171 -14.01 -11.16 11.73
N GLU E 172 -14.93 -12.02 12.15
CA GLU E 172 -15.03 -13.40 11.66
C GLU E 172 -15.28 -13.37 10.17
N ALA E 173 -16.34 -12.64 9.81
CA ALA E 173 -16.72 -12.43 8.42
C ALA E 173 -15.57 -11.88 7.60
N ALA E 174 -14.91 -10.84 8.11
CA ALA E 174 -13.85 -10.16 7.37
C ALA E 174 -12.51 -10.88 7.44
N ARG E 175 -12.44 -11.92 8.26
CA ARG E 175 -11.20 -12.67 8.48
C ARG E 175 -10.09 -11.77 9.04
N GLU E 176 -10.48 -10.87 9.96
CA GLU E 176 -9.57 -9.93 10.59
C GLU E 176 -8.38 -10.63 11.21
N ALA E 177 -8.63 -11.74 11.90
CA ALA E 177 -7.58 -12.43 12.66
C ALA E 177 -6.34 -12.69 11.84
N GLU E 178 -6.53 -12.86 10.53
CA GLU E 178 -5.43 -13.21 9.65
C GLU E 178 -4.52 -12.02 9.45
N GLN E 179 -5.13 -10.85 9.29
CA GLN E 179 -4.40 -9.59 9.24
C GLN E 179 -3.61 -9.41 10.55
N ARG E 180 -4.30 -9.58 11.66
CA ARG E 180 -3.66 -9.45 12.96
C ARG E 180 -2.48 -10.40 13.08
N ARG E 181 -2.74 -11.69 12.88
CA ARG E 181 -1.69 -12.69 12.98
C ARG E 181 -0.53 -12.40 12.03
N ALA E 182 -0.84 -11.83 10.86
CA ALA E 182 0.19 -11.55 9.89
C ALA E 182 1.22 -10.57 10.45
N TYR E 183 0.76 -9.46 11.00
CA TYR E 183 1.63 -8.47 11.61
C TYR E 183 2.40 -9.09 12.74
N LEU E 184 1.67 -9.77 13.61
CA LEU E 184 2.22 -10.37 14.82
C LEU E 184 3.37 -11.33 14.52
N GLU E 185 3.21 -12.15 13.48
CA GLU E 185 4.22 -13.13 13.10
C GLU E 185 5.36 -12.50 12.28
N GLY E 186 5.03 -11.49 11.50
CA GLY E 186 6.02 -10.89 10.61
C GLY E 186 6.64 -9.61 11.13
N GLU E 187 6.00 -8.47 10.83
CA GLU E 187 6.57 -7.17 11.17
C GLU E 187 6.98 -7.04 12.63
N CYS E 188 6.06 -7.40 13.52
CA CYS E 188 6.27 -7.21 14.95
C CYS E 188 7.55 -7.92 15.37
N VAL E 189 7.66 -9.17 14.93
CA VAL E 189 8.84 -9.99 15.18
C VAL E 189 10.08 -9.31 14.65
N GLU E 190 10.03 -8.92 13.38
CA GLU E 190 11.17 -8.27 12.75
C GLU E 190 11.60 -6.98 13.44
N TRP E 191 10.64 -6.07 13.64
CA TRP E 191 10.92 -4.84 14.36
C TRP E 191 11.51 -5.07 15.75
N LEU E 192 10.99 -6.05 16.48
CA LEU E 192 11.51 -6.35 17.82
C LEU E 192 12.95 -6.83 17.70
N ARG E 193 13.22 -7.58 16.64
CA ARG E 193 14.57 -8.02 16.37
C ARG E 193 15.49 -6.80 16.26
N ARG E 194 15.10 -5.84 15.42
CA ARG E 194 15.90 -4.65 15.21
C ARG E 194 16.14 -3.85 16.51
N TYR E 195 15.12 -3.71 17.34
CA TYR E 195 15.29 -2.88 18.52
C TYR E 195 16.23 -3.53 19.55
N LEU E 196 16.10 -4.85 19.73
CA LEU E 196 16.93 -5.56 20.69
C LEU E 196 18.39 -5.52 20.24
N GLU E 197 18.61 -5.51 18.93
CA GLU E 197 19.94 -5.39 18.37
C GLU E 197 20.59 -4.04 18.62
N ASN E 198 19.80 -2.98 18.55
CA ASN E 198 20.34 -1.62 18.72
C ASN E 198 20.41 -1.22 20.18
N GLY E 199 19.44 -1.64 21.00
CA GLY E 199 19.49 -1.29 22.40
C GLY E 199 20.22 -2.37 23.16
N LYS E 200 20.98 -3.19 22.44
CA LYS E 200 21.66 -4.37 23.01
C LYS E 200 22.05 -4.34 24.49
N ASP E 201 22.95 -3.45 24.89
CA ASP E 201 23.48 -3.47 26.26
C ASP E 201 22.41 -3.11 27.28
N LYS E 202 21.36 -2.46 26.82
CA LYS E 202 20.35 -1.89 27.71
C LYS E 202 18.99 -2.56 27.71
N LEU E 203 18.80 -3.53 26.82
CA LEU E 203 17.54 -4.25 26.76
C LEU E 203 17.67 -5.64 27.38
N GLU E 204 18.82 -6.29 27.20
CA GLU E 204 18.99 -7.61 27.78
C GLU E 204 19.90 -7.57 28.99
N ARG E 205 19.77 -6.50 29.77
CA ARG E 205 20.40 -6.39 31.07
C ARG E 205 19.56 -7.11 32.10
N ALA E 206 20.10 -7.22 33.31
CA ALA E 206 19.35 -7.74 34.43
C ALA E 206 19.89 -7.12 35.71
N ASP E 207 19.13 -6.22 36.31
CA ASP E 207 19.53 -5.59 37.55
C ASP E 207 18.81 -6.24 38.72
N PRO E 208 19.56 -6.93 39.60
CA PRO E 208 19.01 -7.61 40.77
C PRO E 208 18.49 -6.62 41.82
N PRO E 209 17.39 -7.00 42.51
CA PRO E 209 16.79 -6.18 43.57
C PRO E 209 17.62 -6.12 44.86
N LYS E 210 17.99 -4.91 45.27
CA LYS E 210 18.60 -4.69 46.58
C LYS E 210 17.53 -4.78 47.65
N THR E 211 17.80 -5.52 48.73
CA THR E 211 16.73 -5.87 49.66
C THR E 211 17.09 -5.60 51.12
N HIS E 212 16.06 -5.47 51.95
CA HIS E 212 16.18 -5.23 53.39
C HIS E 212 14.82 -5.36 54.08
N VAL E 213 14.83 -5.62 55.39
CA VAL E 213 13.58 -5.75 56.14
C VAL E 213 13.48 -4.73 57.27
N THR E 214 12.43 -3.91 57.23
CA THR E 214 12.21 -2.92 58.27
C THR E 214 11.13 -3.35 59.27
N HIS E 215 11.25 -2.83 60.50
CA HIS E 215 10.40 -3.22 61.62
C HIS E 215 9.72 -1.97 62.15
N HIS E 216 8.45 -2.07 62.54
CA HIS E 216 7.74 -0.87 62.98
C HIS E 216 6.60 -1.11 63.97
N PRO E 217 6.90 -0.89 65.28
CA PRO E 217 5.92 -0.96 66.37
C PRO E 217 4.61 -0.22 66.04
N ILE E 218 3.50 -0.95 66.06
CA ILE E 218 2.18 -0.38 65.90
C ILE E 218 1.58 -0.17 67.28
N SER E 219 1.87 -1.09 68.19
CA SER E 219 1.32 -1.08 69.53
C SER E 219 2.35 -1.61 70.54
N ASP E 220 1.89 -1.84 71.75
CA ASP E 220 2.67 -2.55 72.74
C ASP E 220 2.68 -4.02 72.38
N HIS E 221 1.65 -4.45 71.64
CA HIS E 221 1.49 -5.84 71.25
C HIS E 221 2.21 -6.18 69.95
N GLU E 222 2.04 -5.35 68.93
CA GLU E 222 2.53 -5.73 67.61
C GLU E 222 3.29 -4.65 66.84
N ALA E 223 3.70 -5.02 65.64
CA ALA E 223 4.54 -4.18 64.79
C ALA E 223 4.38 -4.60 63.33
N THR E 224 4.76 -3.69 62.42
CA THR E 224 4.77 -4.03 61.01
C THR E 224 6.15 -4.53 60.56
N LEU E 225 6.14 -5.66 59.86
CA LEU E 225 7.33 -6.14 59.17
C LEU E 225 7.18 -5.87 57.68
N ARG E 226 8.04 -5.02 57.13
CA ARG E 226 7.96 -4.66 55.71
C ARG E 226 9.21 -5.10 54.95
N CYS E 227 8.99 -5.82 53.85
CA CYS E 227 10.08 -6.36 53.05
C CYS E 227 10.29 -5.56 51.78
N TRP E 228 11.48 -5.00 51.60
CA TRP E 228 11.77 -4.13 50.46
C TRP E 228 12.55 -4.80 49.33
N ALA E 229 12.21 -4.45 48.09
CA ALA E 229 13.03 -4.79 46.93
C ALA E 229 13.21 -3.55 46.05
N LEU E 230 14.47 -3.16 45.83
CA LEU E 230 14.78 -1.92 45.12
C LEU E 230 15.78 -2.08 43.96
N GLY E 231 15.65 -1.23 42.94
CA GLY E 231 16.66 -1.12 41.90
C GLY E 231 16.68 -2.20 40.84
N PHE E 232 15.59 -2.96 40.71
CA PHE E 232 15.62 -4.11 39.80
C PHE E 232 14.97 -3.86 38.45
N TYR E 233 15.52 -4.51 37.43
CA TYR E 233 14.94 -4.59 36.09
C TYR E 233 15.04 -6.02 35.59
N PRO E 234 13.99 -6.53 34.95
CA PRO E 234 12.71 -5.84 34.71
C PRO E 234 11.76 -5.87 35.92
N ALA E 235 10.54 -5.38 35.71
CA ALA E 235 9.58 -5.21 36.80
C ALA E 235 9.10 -6.52 37.43
N GLU E 236 9.17 -7.62 36.67
CA GLU E 236 8.67 -8.90 37.15
C GLU E 236 9.41 -9.36 38.41
N ILE E 237 8.67 -9.50 39.51
CA ILE E 237 9.22 -9.97 40.77
C ILE E 237 8.09 -10.60 41.59
N THR E 238 8.43 -11.58 42.41
CA THR E 238 7.47 -12.11 43.37
C THR E 238 8.00 -11.85 44.79
N LEU E 239 7.09 -11.63 45.72
CA LEU E 239 7.43 -11.14 47.05
C LEU E 239 6.38 -11.56 48.07
N THR E 240 6.72 -12.47 48.97
CA THR E 240 5.73 -12.95 49.94
C THR E 240 6.22 -12.99 51.39
N TRP E 241 5.27 -12.81 52.31
CA TRP E 241 5.53 -13.01 53.73
C TRP E 241 4.98 -14.37 54.19
N GLN E 242 5.88 -15.27 54.57
CA GLN E 242 5.47 -16.59 55.06
C GLN E 242 5.51 -16.65 56.59
N THR E 249 -0.82 -14.78 53.66
CA THR E 249 -1.35 -14.02 52.53
C THR E 249 -2.58 -13.20 52.95
N GLN E 250 -3.41 -13.78 53.81
CA GLN E 250 -4.63 -13.13 54.27
C GLN E 250 -4.31 -11.84 55.04
N ASP E 251 -3.11 -11.80 55.62
CA ASP E 251 -2.67 -10.67 56.42
C ASP E 251 -1.55 -9.89 55.74
N THR E 252 -1.19 -10.33 54.53
CA THR E 252 -0.11 -9.69 53.81
C THR E 252 -0.59 -8.54 52.95
N GLU E 253 -0.05 -7.35 53.22
CA GLU E 253 -0.26 -6.20 52.37
C GLU E 253 0.81 -6.18 51.27
N LEU E 254 0.40 -5.88 50.05
CA LEU E 254 1.31 -5.91 48.92
C LEU E 254 1.09 -4.71 48.01
N VAL E 255 2.09 -3.83 47.92
CA VAL E 255 1.97 -2.65 47.07
C VAL E 255 2.31 -2.97 45.63
N GLU E 256 1.70 -2.22 44.72
CA GLU E 256 2.00 -2.33 43.31
C GLU E 256 3.46 -1.96 43.05
N THR E 257 4.14 -2.79 42.26
CA THR E 257 5.50 -2.49 41.81
C THR E 257 5.54 -1.12 41.17
N ARG E 258 6.57 -0.32 41.48
CA ARG E 258 6.59 1.07 41.09
C ARG E 258 7.93 1.48 40.44
N PRO E 259 7.89 2.40 39.47
CA PRO E 259 9.12 2.73 38.76
C PRO E 259 9.93 3.81 39.46
N ALA E 260 11.25 3.77 39.32
CA ALA E 260 12.10 4.70 40.05
C ALA E 260 12.35 6.01 39.30
N GLY E 261 12.16 6.01 37.99
CA GLY E 261 12.50 7.19 37.20
C GLY E 261 13.81 6.96 36.50
N ASP E 262 14.67 6.17 37.14
CA ASP E 262 15.70 5.45 36.40
C ASP E 262 14.93 4.40 35.64
N ARG E 263 15.61 3.63 34.82
CA ARG E 263 14.90 2.55 34.17
C ARG E 263 14.85 1.34 35.10
N THR E 264 14.30 1.56 36.30
CA THR E 264 14.23 0.53 37.33
C THR E 264 12.97 0.59 38.21
N PHE E 265 12.73 -0.48 38.96
CA PHE E 265 11.49 -0.68 39.71
C PHE E 265 11.66 -0.95 41.22
N GLN E 266 10.64 -0.60 41.99
CA GLN E 266 10.61 -0.83 43.44
C GLN E 266 9.33 -1.59 43.84
N LYS E 267 9.36 -2.24 45.00
CA LYS E 267 8.19 -2.93 45.56
C LYS E 267 8.42 -3.33 47.01
N TRP E 268 7.35 -3.41 47.81
CA TRP E 268 7.44 -4.01 49.13
C TRP E 268 6.18 -4.75 49.60
N ALA E 269 6.37 -5.57 50.64
CA ALA E 269 5.31 -6.40 51.20
C ALA E 269 5.29 -6.27 52.72
N ALA E 270 4.10 -6.14 53.29
CA ALA E 270 3.96 -5.95 54.73
C ALA E 270 3.19 -7.09 55.38
N VAL E 271 3.47 -7.32 56.67
CA VAL E 271 2.69 -8.24 57.47
C VAL E 271 2.66 -7.75 58.91
N VAL E 272 1.46 -7.57 59.45
CA VAL E 272 1.32 -7.12 60.83
C VAL E 272 1.59 -8.28 61.79
N VAL E 273 2.54 -8.08 62.69
CA VAL E 273 3.15 -9.16 63.46
C VAL E 273 3.27 -8.80 64.95
N PRO E 274 2.87 -9.73 65.83
CA PRO E 274 2.99 -9.45 67.27
C PRO E 274 4.45 -9.25 67.71
N SER E 275 4.63 -8.65 68.89
CA SER E 275 5.98 -8.36 69.37
C SER E 275 6.63 -9.61 69.94
N GLY E 276 7.95 -9.60 70.00
CA GLY E 276 8.73 -10.76 70.43
C GLY E 276 8.43 -11.98 69.57
N GLU E 277 7.99 -11.72 68.34
CA GLU E 277 7.36 -12.72 67.49
C GLU E 277 7.80 -12.57 66.04
N GLU E 278 8.76 -11.69 65.83
CA GLU E 278 9.13 -11.40 64.47
C GLU E 278 9.95 -12.55 63.88
N GLN E 279 10.39 -13.48 64.71
CA GLN E 279 11.29 -14.57 64.33
C GLN E 279 10.66 -15.67 63.47
N ARG E 280 9.35 -15.87 63.60
CA ARG E 280 8.70 -16.94 62.86
C ARG E 280 8.22 -16.45 61.49
N TYR E 281 8.75 -15.31 61.06
CA TYR E 281 8.36 -14.73 59.78
C TYR E 281 9.51 -14.66 58.80
N THR E 282 9.17 -14.92 57.54
CA THR E 282 10.13 -15.09 56.47
C THR E 282 9.67 -14.40 55.19
N CYS E 283 10.47 -13.46 54.70
CA CYS E 283 10.20 -12.82 53.42
C CYS E 283 10.93 -13.54 52.30
N HIS E 284 10.18 -13.93 51.26
CA HIS E 284 10.79 -14.62 50.14
C HIS E 284 10.76 -13.74 48.92
N VAL E 285 11.88 -13.70 48.21
CA VAL E 285 12.03 -12.82 47.06
C VAL E 285 12.48 -13.60 45.83
N GLN E 286 11.74 -13.47 44.72
CA GLN E 286 12.14 -14.11 43.48
C GLN E 286 12.23 -13.08 42.36
N HIS E 287 13.34 -13.15 41.61
CA HIS E 287 13.62 -12.23 40.50
C HIS E 287 14.66 -12.84 39.57
N GLU E 288 14.56 -12.57 38.27
CA GLU E 288 15.44 -13.24 37.31
C GLU E 288 16.90 -12.76 37.39
N GLY E 289 17.10 -11.54 37.85
CA GLY E 289 18.42 -10.95 37.90
C GLY E 289 19.27 -11.47 39.06
N LEU E 290 18.73 -12.36 39.87
CA LEU E 290 19.48 -12.90 41.01
C LEU E 290 19.66 -14.42 40.93
N PRO E 291 20.82 -14.91 41.41
CA PRO E 291 21.10 -16.34 41.47
C PRO E 291 20.37 -17.05 42.62
N LYS E 292 20.21 -16.34 43.73
CA LYS E 292 19.59 -16.91 44.92
C LYS E 292 18.20 -16.34 45.19
N PRO E 293 17.14 -17.14 44.95
CA PRO E 293 15.80 -16.78 45.40
C PRO E 293 15.83 -16.56 46.92
N LEU E 294 15.80 -15.30 47.32
CA LEU E 294 16.19 -14.86 48.66
C LEU E 294 15.26 -15.28 49.80
N THR E 295 15.87 -15.58 50.94
CA THR E 295 15.15 -15.89 52.17
C THR E 295 15.58 -14.91 53.25
N LEU E 296 14.67 -14.03 53.66
CA LEU E 296 15.01 -12.94 54.57
C LEU E 296 14.25 -12.98 55.88
N ARG E 297 14.98 -12.79 56.97
CA ARG E 297 14.39 -12.54 58.29
C ARG E 297 14.76 -11.14 58.75
N TRP E 298 14.01 -10.58 59.69
CA TRP E 298 14.34 -9.25 60.21
C TRP E 298 15.56 -9.32 61.13
N GLU E 299 16.62 -8.61 60.75
CA GLU E 299 17.88 -8.64 61.50
C GLU E 299 17.75 -7.84 62.80
#